data_8R6V
#
_entry.id   8R6V
#
_cell.length_a   126.436
_cell.length_b   126.436
_cell.length_c   115.353
_cell.angle_alpha   90.00
_cell.angle_beta   90.00
_cell.angle_gamma   90.00
#
_symmetry.space_group_name_H-M   'P 43 21 2'
#
loop_
_entity.id
_entity.type
_entity.pdbx_description
1 polymer 'Glycogen phosphorylase, muscle form'
2 non-polymer 'DIMETHYL SULFOXIDE'
3 non-polymer '(2R,3R)-5,7-dihydroxy-2-(3,4,5-trihydroxyphenyl)-3,4-dihydro-2H-chromen-3-yl 3,4,5-trihydroxybenzoate'
4 non-polymer CAFFEINE
5 water water
#
_entity_poly.entity_id   1
_entity_poly.type   'polypeptide(L)'
_entity_poly.pdbx_seq_one_letter_code
;QEKRKQISVRGLAGVENVTELKKNFNRHLHFTLVKDRNVATPRDYYFALAHTVRDHLVGRWIRTQQHYYEKDPKRIYYLS
LEFYMGRTLQNTMVNLALENACDEATYQLGLDMEELEEIEEDAGLGNGGLGRLAACFLDSMATLGLAAYGYGIRYEFGIF
NQKI(CSO)GGWQMEEADDWLRYGNPWEKARPEFTLPVHFYGRVEHTSQGAKWVDTQVVLAMPYDTPVPGYRNNVVNTMR
LWSAKAPNDFNLKDFNVGGYIQAVLDRNLAENISRVLYPNDNFFEGKELRLKQEYFVVAATLQDIIRRFKSSKFGCRDPV
RTNFDAFPDKVAIQLNDTHPSLAIPELMRVLVDLERLDWDKAWEVTVKTCAYTNHTVIPEALERWPVHLLETLLPRHLQI
IYEINQRFLNRVAAAFPGDVDRLRRMSLVEEGAVKRINMAHLCIAGSHAVNGVARIHSEILKKTIFKDFYELEPHKFQNK
TNGITPRRWLVLCNPGLAEIIAERIGEEYISDLDQLRKLLSYVDDEAFIRDVAKVKQENKLKFAAYLEREYKVHINPNSL
FDVQVKRIHEYKRQLLNCLHVITLYNRIKKEPNKFVVPRTVMIGGKAAPGYHMAKMIIKLITAIGDVVNHDPVVGDRLRV
IFLENYRVSLAEKVIPAADLSEQISTAGTEASGTGNM(LLP)FMLNGALTIGTMDGANVEMAEEAGEENFFIFGMRVEDV
DRLDQRGYNAQEYYDRIPELRQIIEQLSSGFFSPKQPDLFKDIVNMLMHHDRFKVFADYEEYVKCQERVSALYKNPREWT
RMVIRNIATSGKFSSDRTIAQYAREIWGVEPSRQRLPA
;
_entity_poly.pdbx_strand_id   A
#
loop_
_chem_comp.id
_chem_comp.type
_chem_comp.name
_chem_comp.formula
CFF non-polymer CAFFEINE 'C8 H10 N4 O2'
DMS non-polymer 'DIMETHYL SULFOXIDE' 'C2 H6 O S'
KDH non-polymer '(2R,3R)-5,7-dihydroxy-2-(3,4,5-trihydroxyphenyl)-3,4-dihydro-2H-chromen-3-yl 3,4,5-trihydroxybenzoate' 'C22 H18 O11'
#
# COMPACT_ATOMS: atom_id res chain seq x y z
N GLN A 1 -10.59 15.06 -25.80
CA GLN A 1 -12.01 14.65 -25.83
C GLN A 1 -12.86 15.68 -25.07
N GLU A 2 -13.98 16.09 -25.66
CA GLU A 2 -14.86 17.11 -25.01
C GLU A 2 -15.83 16.42 -24.05
N LYS A 3 -16.15 15.14 -24.31
CA LYS A 3 -17.12 14.41 -23.48
C LYS A 3 -16.67 14.50 -22.02
N ARG A 4 -15.39 14.26 -21.76
CA ARG A 4 -14.86 14.27 -20.37
C ARG A 4 -15.13 15.60 -19.67
N LYS A 5 -15.23 16.68 -20.43
CA LYS A 5 -15.38 18.01 -19.79
C LYS A 5 -16.85 18.17 -19.44
N GLN A 6 -17.67 17.24 -19.92
CA GLN A 6 -19.11 17.25 -19.57
C GLN A 6 -19.32 16.31 -18.39
N ILE A 7 -18.26 15.94 -17.68
CA ILE A 7 -18.41 15.09 -16.47
C ILE A 7 -18.63 16.04 -15.27
N SER A 8 -19.83 16.03 -14.71
CA SER A 8 -20.20 16.92 -13.59
C SER A 8 -19.35 16.68 -12.34
N VAL A 9 -19.08 15.42 -11.99
CA VAL A 9 -18.23 15.16 -10.82
C VAL A 9 -16.83 15.78 -10.91
N ARG A 10 -16.47 16.33 -12.08
CA ARG A 10 -15.24 17.07 -12.26
C ARG A 10 -15.34 18.58 -12.04
N GLY A 11 -16.53 19.08 -11.68
CA GLY A 11 -16.69 20.46 -11.25
C GLY A 11 -16.90 21.47 -12.38
N LEU A 12 -16.90 22.76 -12.02
CA LEU A 12 -17.21 23.83 -12.97
C LEU A 12 -15.96 24.35 -13.66
N ALA A 13 -16.08 24.60 -14.96
CA ALA A 13 -15.09 25.37 -15.69
C ALA A 13 -15.54 26.83 -15.73
N GLY A 14 -15.39 27.55 -14.62
CA GLY A 14 -15.77 28.94 -14.55
C GLY A 14 -14.95 29.83 -15.50
N VAL A 15 -15.62 30.74 -16.21
CA VAL A 15 -14.94 31.53 -17.24
C VAL A 15 -13.73 32.29 -16.70
N GLU A 16 -13.86 32.88 -15.51
CA GLU A 16 -12.75 33.61 -14.91
C GLU A 16 -11.68 32.64 -14.41
N ASN A 17 -12.12 31.52 -13.84
CA ASN A 17 -11.20 30.52 -13.35
C ASN A 17 -10.31 30.03 -14.49
N VAL A 18 -10.94 29.72 -15.63
CA VAL A 18 -10.22 29.32 -16.82
C VAL A 18 -9.20 30.38 -17.23
N THR A 19 -9.67 31.63 -17.36
CA THR A 19 -8.83 32.76 -17.73
C THR A 19 -7.60 32.87 -16.84
N GLU A 20 -7.79 32.73 -15.53
CA GLU A 20 -6.67 32.86 -14.56
C GLU A 20 -5.73 31.67 -14.67
N LEU A 21 -6.28 30.47 -14.80
CA LEU A 21 -5.46 29.28 -14.96
C LEU A 21 -4.49 29.43 -16.14
N LYS A 22 -4.99 29.93 -17.27
CA LYS A 22 -4.17 30.08 -18.45
C LYS A 22 -3.10 31.13 -18.20
N LYS A 23 -3.48 32.22 -17.55
CA LYS A 23 -2.53 33.32 -17.30
C LYS A 23 -1.38 32.79 -16.43
N ASN A 24 -1.72 32.00 -15.43
CA ASN A 24 -0.69 31.48 -14.54
C ASN A 24 0.10 30.32 -15.15
N PHE A 25 -0.56 29.54 -16.00
CA PHE A 25 0.12 28.54 -16.81
C PHE A 25 1.22 29.21 -17.63
N ASN A 26 0.85 30.24 -18.41
CA ASN A 26 1.81 31.02 -19.18
C ASN A 26 2.82 31.77 -18.30
N ARG A 27 2.45 32.15 -17.09
CA ARG A 27 3.39 32.84 -16.17
C ARG A 27 4.47 31.86 -15.69
N HIS A 28 4.09 30.66 -15.28
CA HIS A 28 5.07 29.63 -14.83
C HIS A 28 5.96 29.20 -16.00
N LEU A 29 5.39 29.09 -17.20
CA LEU A 29 6.16 28.71 -18.37
C LEU A 29 7.31 29.69 -18.61
N HIS A 30 7.02 30.99 -18.45
CA HIS A 30 8.00 32.05 -18.63
C HIS A 30 8.93 32.18 -17.42
N PHE A 31 8.39 32.51 -16.24
CA PHE A 31 9.26 32.81 -15.09
C PHE A 31 9.81 31.56 -14.36
N THR A 32 9.07 30.46 -14.31
CA THR A 32 9.49 29.29 -13.50
C THR A 32 10.31 28.31 -14.35
N LEU A 33 9.91 28.05 -15.59
CA LEU A 33 10.59 27.06 -16.44
C LEU A 33 11.50 27.76 -17.43
N VAL A 34 11.40 29.08 -17.54
CA VAL A 34 12.23 29.85 -18.45
C VAL A 34 12.20 29.26 -19.85
N LYS A 35 10.98 29.06 -20.35
CA LYS A 35 10.77 28.61 -21.72
C LYS A 35 9.85 29.59 -22.45
N ASP A 36 9.78 29.43 -23.77
CA ASP A 36 8.73 30.02 -24.57
C ASP A 36 8.07 28.87 -25.35
N ARG A 37 6.95 29.17 -26.00
CA ARG A 37 6.20 28.19 -26.77
C ARG A 37 7.00 27.49 -27.88
N ASN A 38 8.01 28.17 -28.42
CA ASN A 38 8.81 27.62 -29.50
C ASN A 38 9.74 26.47 -29.10
N VAL A 39 10.12 26.40 -27.82
CA VAL A 39 10.99 25.33 -27.38
C VAL A 39 10.34 24.43 -26.32
N ALA A 40 9.08 24.73 -25.95
CA ALA A 40 8.42 23.99 -24.89
C ALA A 40 8.02 22.59 -25.34
N THR A 41 8.39 21.60 -24.52
CA THR A 41 8.00 20.22 -24.71
C THR A 41 6.74 19.92 -23.90
N PRO A 42 6.05 18.79 -24.14
CA PRO A 42 4.99 18.33 -23.23
C PRO A 42 5.40 18.35 -21.76
N ARG A 43 6.65 17.99 -21.46
CA ARG A 43 7.12 17.91 -20.09
C ARG A 43 7.10 19.30 -19.45
N ASP A 44 7.60 20.30 -20.16
CA ASP A 44 7.45 21.67 -19.72
C ASP A 44 5.99 22.03 -19.46
N TYR A 45 5.10 21.61 -20.37
CA TYR A 45 3.70 21.96 -20.24
C TYR A 45 3.10 21.29 -19.01
N TYR A 46 3.52 20.05 -18.73
CA TYR A 46 3.09 19.37 -17.53
C TYR A 46 3.52 20.13 -16.27
N PHE A 47 4.77 20.63 -16.29
CA PHE A 47 5.31 21.35 -15.14
C PHE A 47 4.65 22.71 -14.95
N ALA A 48 4.42 23.44 -16.04
CA ALA A 48 3.68 24.68 -15.96
C ALA A 48 2.33 24.45 -15.28
N LEU A 49 1.65 23.36 -15.64
CA LEU A 49 0.34 23.06 -15.09
C LEU A 49 0.44 22.61 -13.63
N ALA A 50 1.46 21.80 -13.32
CA ALA A 50 1.67 21.34 -11.96
C ALA A 50 1.90 22.52 -11.02
N HIS A 51 2.83 23.42 -11.39
CA HIS A 51 3.08 24.63 -10.63
C HIS A 51 1.80 25.44 -10.45
N THR A 52 1.07 25.63 -11.57
CA THR A 52 -0.16 26.40 -11.56
C THR A 52 -1.15 25.82 -10.56
N VAL A 53 -1.25 24.48 -10.53
CA VAL A 53 -2.24 23.81 -9.71
C VAL A 53 -1.80 23.80 -8.25
N ARG A 54 -0.51 23.62 -8.01
CA ARG A 54 0.02 23.61 -6.63
C ARG A 54 -0.20 24.98 -5.97
N ASP A 55 -0.18 26.05 -6.76
CA ASP A 55 -0.47 27.41 -6.24
C ASP A 55 -1.83 27.45 -5.54
N HIS A 56 -2.82 26.69 -6.02
CA HIS A 56 -4.14 26.68 -5.42
C HIS A 56 -4.18 25.99 -4.05
N LEU A 57 -3.16 25.19 -3.74
CA LEU A 57 -3.06 24.51 -2.46
C LEU A 57 -2.58 25.40 -1.31
N VAL A 58 -1.77 26.42 -1.66
CA VAL A 58 -0.92 27.12 -0.70
C VAL A 58 -1.70 27.86 0.39
N GLY A 59 -2.73 28.62 -0.04
CA GLY A 59 -3.56 29.37 0.88
C GLY A 59 -4.23 28.48 1.93
N ARG A 60 -4.82 27.39 1.47
CA ARG A 60 -5.48 26.44 2.39
C ARG A 60 -4.43 25.73 3.25
N TRP A 61 -3.24 25.48 2.70
CA TRP A 61 -2.18 24.80 3.43
C TRP A 61 -1.78 25.62 4.66
N ILE A 62 -1.53 26.92 4.47
CA ILE A 62 -1.18 27.82 5.56
C ILE A 62 -2.32 27.98 6.57
N ARG A 63 -3.54 28.21 6.08
CA ARG A 63 -4.69 28.43 6.95
C ARG A 63 -5.08 27.19 7.76
N THR A 64 -4.96 26.00 7.16
CA THR A 64 -5.21 24.76 7.86
C THR A 64 -4.28 24.60 9.05
N GLN A 65 -2.98 24.80 8.83
CA GLN A 65 -2.00 24.62 9.89
C GLN A 65 -2.15 25.70 10.97
N GLN A 66 -2.59 26.90 10.59
CA GLN A 66 -2.87 27.96 11.58
C GLN A 66 -4.13 27.58 12.35
N HIS A 67 -5.14 27.07 11.65
CA HIS A 67 -6.33 26.60 12.32
C HIS A 67 -5.99 25.61 13.43
N TYR A 68 -5.06 24.69 13.15
CA TYR A 68 -4.67 23.68 14.12
C TYR A 68 -3.91 24.30 15.29
N TYR A 69 -3.09 25.31 15.00
CA TYR A 69 -2.44 26.05 16.06
C TYR A 69 -3.47 26.72 16.96
N GLU A 70 -4.49 27.35 16.35
CA GLU A 70 -5.49 28.11 17.09
C GLU A 70 -6.39 27.21 17.93
N LYS A 71 -6.94 26.15 17.34
CA LYS A 71 -7.86 25.26 18.04
C LYS A 71 -7.14 24.29 18.98
N ASP A 72 -5.89 23.96 18.65
CA ASP A 72 -5.08 23.02 19.42
C ASP A 72 -5.76 21.67 19.67
N PRO A 73 -6.23 20.97 18.60
CA PRO A 73 -6.76 19.62 18.77
C PRO A 73 -5.62 18.62 18.96
N LYS A 74 -5.99 17.44 19.45
CA LYS A 74 -5.07 16.32 19.52
C LYS A 74 -4.52 16.05 18.12
N ARG A 75 -3.22 15.73 18.05
CA ARG A 75 -2.54 15.58 16.77
C ARG A 75 -2.21 14.12 16.53
N ILE A 76 -2.42 13.68 15.29
CA ILE A 76 -2.22 12.31 14.88
C ILE A 76 -0.94 12.27 14.05
N TYR A 77 0.06 11.53 14.54
CA TYR A 77 1.29 11.32 13.82
C TYR A 77 1.30 9.87 13.31
N TYR A 78 1.20 9.72 11.98
CA TYR A 78 1.17 8.43 11.33
C TYR A 78 2.58 8.13 10.81
N LEU A 79 3.34 7.40 11.63
CA LEU A 79 4.70 7.00 11.30
C LEU A 79 4.70 5.76 10.42
N SER A 80 5.38 5.85 9.28
CA SER A 80 5.51 4.75 8.34
C SER A 80 6.81 4.91 7.56
N LEU A 81 7.45 3.79 7.23
CA LEU A 81 8.63 3.79 6.38
C LEU A 81 8.27 3.87 4.90
N GLU A 82 6.95 3.86 4.59
CA GLU A 82 6.49 3.92 3.21
C GLU A 82 5.26 4.82 3.05
N PHE A 83 5.27 5.58 1.95
CA PHE A 83 4.10 6.38 1.55
C PHE A 83 3.97 6.14 0.03
N TYR A 84 3.20 5.14 -0.38
CA TYR A 84 2.96 4.81 -1.82
C TYR A 84 1.92 5.79 -2.35
N MET A 85 2.33 7.02 -2.66
CA MET A 85 1.41 8.13 -2.99
C MET A 85 0.94 8.16 -4.45
N GLY A 86 1.73 7.66 -5.40
CA GLY A 86 1.40 7.80 -6.80
C GLY A 86 1.59 9.23 -7.28
N ARG A 87 0.82 9.59 -8.30
CA ARG A 87 0.89 10.95 -8.87
C ARG A 87 0.01 11.88 -8.03
N THR A 88 0.26 13.18 -8.11
CA THR A 88 -0.41 14.19 -7.31
C THR A 88 -1.30 15.15 -8.11
N LEU A 89 -1.01 15.34 -9.40
CA LEU A 89 -1.62 16.39 -10.19
C LEU A 89 -3.13 16.22 -10.33
N GLN A 90 -3.56 15.05 -10.80
CA GLN A 90 -4.98 14.79 -10.94
C GLN A 90 -5.64 14.81 -9.57
N ASN A 91 -4.98 14.22 -8.57
CA ASN A 91 -5.55 14.16 -7.23
C ASN A 91 -5.78 15.55 -6.67
N THR A 92 -4.82 16.47 -6.93
CA THR A 92 -4.94 17.83 -6.46
C THR A 92 -6.18 18.45 -7.10
N MET A 93 -6.33 18.25 -8.40
CA MET A 93 -7.39 18.90 -9.17
C MET A 93 -8.76 18.42 -8.71
N VAL A 94 -8.90 17.14 -8.41
CA VAL A 94 -10.19 16.55 -7.98
C VAL A 94 -10.59 17.06 -6.58
N ASN A 95 -9.64 17.14 -5.67
CA ASN A 95 -9.95 17.54 -4.27
C ASN A 95 -10.16 19.05 -4.19
N LEU A 96 -9.76 19.78 -5.24
CA LEU A 96 -9.96 21.22 -5.27
C LEU A 96 -11.02 21.68 -6.27
N ALA A 97 -11.70 20.73 -6.91
CA ALA A 97 -12.76 21.01 -7.86
C ALA A 97 -12.28 21.77 -9.09
N LEU A 98 -10.99 21.57 -9.43
CA LEU A 98 -10.37 22.28 -10.54
C LEU A 98 -10.24 21.48 -11.83
N GLU A 99 -10.64 20.21 -11.81
CA GLU A 99 -10.39 19.31 -12.99
C GLU A 99 -10.98 19.84 -14.30
N ASN A 100 -12.27 20.14 -14.34
CA ASN A 100 -12.84 20.58 -15.60
C ASN A 100 -12.32 21.95 -16.01
N ALA A 101 -12.01 22.79 -15.01
CA ALA A 101 -11.47 24.12 -15.30
C ALA A 101 -10.08 24.00 -15.93
N CYS A 102 -9.22 23.16 -15.35
CA CYS A 102 -7.88 22.96 -15.89
C CYS A 102 -7.95 22.30 -17.26
N ASP A 103 -8.87 21.34 -17.43
CA ASP A 103 -9.08 20.64 -18.69
C ASP A 103 -9.50 21.60 -19.82
N GLU A 104 -10.37 22.56 -19.50
CA GLU A 104 -10.81 23.57 -20.44
C GLU A 104 -9.70 24.59 -20.72
N ALA A 105 -8.99 24.99 -19.66
CA ALA A 105 -7.87 25.91 -19.76
C ALA A 105 -6.74 25.39 -20.65
N THR A 106 -6.31 24.14 -20.42
CA THR A 106 -5.30 23.50 -21.25
C THR A 106 -5.79 23.27 -22.67
N TYR A 107 -7.07 22.92 -22.82
CA TYR A 107 -7.67 22.73 -24.13
C TYR A 107 -7.60 24.00 -24.98
N GLN A 108 -7.92 25.16 -24.39
CA GLN A 108 -7.84 26.44 -25.10
C GLN A 108 -6.40 26.85 -25.45
N LEU A 109 -5.43 26.35 -24.68
CA LEU A 109 -4.03 26.50 -24.99
C LEU A 109 -3.51 25.50 -26.02
N GLY A 110 -4.38 24.59 -26.49
CA GLY A 110 -4.03 23.64 -27.52
C GLY A 110 -3.41 22.36 -26.96
N LEU A 111 -3.68 22.08 -25.67
CA LEU A 111 -3.06 20.98 -24.97
C LEU A 111 -4.08 19.95 -24.49
N ASP A 112 -3.61 18.70 -24.41
CA ASP A 112 -4.39 17.59 -23.89
C ASP A 112 -3.86 17.29 -22.49
N MET A 113 -4.66 17.64 -21.48
CA MET A 113 -4.26 17.53 -20.08
C MET A 113 -3.98 16.07 -19.71
N GLU A 114 -4.70 15.16 -20.36
CA GLU A 114 -4.51 13.74 -20.13
C GLU A 114 -3.10 13.31 -20.54
N GLU A 115 -2.58 13.88 -21.63
CA GLU A 115 -1.21 13.60 -22.03
C GLU A 115 -0.21 14.17 -21.03
N LEU A 116 -0.50 15.39 -20.53
CA LEU A 116 0.37 16.04 -19.57
C LEU A 116 0.45 15.18 -18.31
N GLU A 117 -0.70 14.65 -17.86
CA GLU A 117 -0.75 13.84 -16.65
C GLU A 117 0.22 12.65 -16.69
N GLU A 118 0.42 12.09 -17.89
CA GLU A 118 1.23 10.90 -18.06
C GLU A 118 2.73 11.14 -17.98
N ILE A 119 3.14 12.42 -17.95
CA ILE A 119 4.54 12.76 -17.77
C ILE A 119 4.96 12.72 -16.30
N GLU A 120 3.98 12.82 -15.39
CA GLU A 120 4.30 12.80 -13.97
C GLU A 120 4.82 11.43 -13.53
N GLU A 121 5.98 11.45 -12.87
CA GLU A 121 6.49 10.27 -12.17
C GLU A 121 5.64 9.99 -10.94
N ASP A 122 5.34 8.71 -10.69
CA ASP A 122 4.85 8.30 -9.39
C ASP A 122 5.86 8.64 -8.29
N ALA A 123 5.34 9.13 -7.17
CA ALA A 123 6.03 9.02 -5.89
C ALA A 123 5.83 7.59 -5.39
N GLY A 124 6.71 6.68 -5.85
CA GLY A 124 6.64 5.27 -5.49
C GLY A 124 7.50 4.94 -4.28
N LEU A 125 7.20 5.59 -3.15
CA LEU A 125 7.96 5.41 -1.92
C LEU A 125 7.31 4.33 -1.07
N GLY A 126 6.88 3.25 -1.71
CA GLY A 126 6.38 2.07 -1.03
C GLY A 126 6.47 0.83 -1.90
N ASN A 127 6.27 -0.34 -1.26
CA ASN A 127 6.35 -1.63 -1.91
C ASN A 127 5.00 -2.12 -2.43
N GLY A 128 3.94 -1.87 -1.65
CA GLY A 128 2.65 -2.47 -1.89
C GLY A 128 1.55 -1.99 -0.93
N GLY A 129 0.87 -2.95 -0.30
CA GLY A 129 -0.37 -2.67 0.41
C GLY A 129 -0.19 -1.73 1.61
N LEU A 130 0.82 -2.03 2.43
CA LEU A 130 1.11 -1.29 3.63
C LEU A 130 1.47 0.14 3.28
N GLY A 131 2.20 0.32 2.17
CA GLY A 131 2.59 1.64 1.70
C GLY A 131 1.41 2.44 1.15
N ARG A 132 0.55 1.75 0.38
CA ARG A 132 -0.57 2.42 -0.26
C ARG A 132 -1.70 2.69 0.73
N LEU A 133 -1.81 1.84 1.75
CA LEU A 133 -2.70 2.11 2.87
C LEU A 133 -2.37 3.44 3.56
N ALA A 134 -1.07 3.68 3.76
CA ALA A 134 -0.61 4.92 4.34
C ALA A 134 -1.00 6.12 3.48
N ALA A 135 -0.84 6.02 2.16
CA ALA A 135 -1.29 7.08 1.26
C ALA A 135 -2.81 7.33 1.35
N CYS A 136 -3.60 6.25 1.21
CA CYS A 136 -5.04 6.31 1.38
C CYS A 136 -5.42 6.94 2.73
N PHE A 137 -4.71 6.56 3.78
CA PHE A 137 -5.00 7.07 5.10
C PHE A 137 -4.77 8.57 5.24
N LEU A 138 -3.71 9.09 4.61
CA LEU A 138 -3.44 10.51 4.64
C LEU A 138 -4.59 11.28 3.98
N ASP A 139 -5.06 10.76 2.84
CA ASP A 139 -6.15 11.38 2.09
C ASP A 139 -7.45 11.38 2.89
N SER A 140 -7.79 10.23 3.51
CA SER A 140 -9.00 10.13 4.32
C SER A 140 -8.93 11.03 5.56
N MET A 141 -7.76 11.03 6.21
CA MET A 141 -7.54 11.84 7.39
C MET A 141 -7.76 13.32 7.10
N ALA A 142 -7.36 13.75 5.89
CA ALA A 142 -7.57 15.12 5.46
C ALA A 142 -9.05 15.39 5.20
N THR A 143 -9.71 14.46 4.50
CA THR A 143 -11.12 14.58 4.20
C THR A 143 -12.01 14.55 5.44
N LEU A 144 -11.56 13.86 6.49
CA LEU A 144 -12.23 13.81 7.78
C LEU A 144 -11.78 14.88 8.77
N GLY A 145 -10.98 15.84 8.31
CA GLY A 145 -10.68 17.04 9.09
C GLY A 145 -9.84 16.80 10.34
N LEU A 146 -9.05 15.72 10.33
CA LEU A 146 -8.18 15.39 11.44
C LEU A 146 -6.86 16.16 11.36
N ALA A 147 -6.38 16.64 12.52
CA ALA A 147 -5.08 17.30 12.62
C ALA A 147 -3.98 16.24 12.56
N ALA A 148 -3.71 15.76 11.34
CA ALA A 148 -2.95 14.55 11.10
C ALA A 148 -1.72 14.82 10.24
N TYR A 149 -0.60 14.20 10.61
CA TYR A 149 0.67 14.42 9.96
C TYR A 149 1.30 13.09 9.57
N GLY A 150 1.49 12.87 8.26
CA GLY A 150 2.28 11.75 7.81
C GLY A 150 3.77 12.00 7.96
N TYR A 151 4.48 11.04 8.55
CA TYR A 151 5.92 11.15 8.78
C TYR A 151 6.64 9.91 8.27
N GLY A 152 7.58 10.14 7.36
CA GLY A 152 8.35 9.04 6.78
C GLY A 152 9.69 9.50 6.25
N ILE A 153 10.18 8.85 5.20
CA ILE A 153 11.52 9.19 4.65
CA ILE A 153 11.51 9.19 4.65
C ILE A 153 11.39 9.55 3.18
C ILE A 153 11.41 9.53 3.17
N ARG A 154 12.13 10.59 2.76
CA ARG A 154 12.15 10.96 1.33
C ARG A 154 13.24 10.13 0.68
N TYR A 155 12.92 8.91 0.25
CA TYR A 155 13.88 8.11 -0.47
C TYR A 155 14.24 8.80 -1.78
N GLU A 156 15.55 8.81 -2.09
CA GLU A 156 16.00 9.36 -3.35
C GLU A 156 15.49 8.46 -4.48
N PHE A 157 15.53 7.15 -4.24
CA PHE A 157 14.99 6.18 -5.18
C PHE A 157 13.92 5.32 -4.50
N GLY A 158 12.72 5.32 -5.09
CA GLY A 158 11.60 4.51 -4.63
C GLY A 158 11.71 3.04 -5.02
N ILE A 159 10.56 2.35 -5.08
CA ILE A 159 10.53 0.98 -5.53
C ILE A 159 11.10 0.98 -6.95
N PHE A 160 12.02 0.05 -7.21
CA PHE A 160 12.68 -0.04 -8.51
C PHE A 160 11.71 -0.10 -9.71
N ASN A 161 12.16 0.52 -10.80
CA ASN A 161 11.42 0.37 -12.09
CA ASN A 161 11.47 0.40 -12.10
C ASN A 161 11.79 -0.99 -12.74
N GLN A 162 10.75 -1.79 -12.91
CA GLN A 162 10.88 -3.13 -13.44
C GLN A 162 10.86 -3.13 -14.96
N LYS A 163 11.86 -3.77 -15.54
CA LYS A 163 11.85 -3.97 -17.00
C LYS A 163 11.86 -5.49 -17.21
N ILE A 164 11.07 -5.99 -18.14
CA ILE A 164 11.14 -7.44 -18.46
C ILE A 164 12.09 -7.59 -19.64
N CSO A 165 13.11 -8.40 -19.46
CA CSO A 165 14.14 -8.59 -20.51
CB CSO A 165 15.32 -7.73 -20.16
SG CSO A 165 15.19 -5.98 -20.66
C CSO A 165 14.43 -10.09 -20.64
O CSO A 165 14.93 -10.68 -19.68
OD CSO A 165 16.56 -5.18 -20.26
N GLY A 166 14.08 -10.68 -21.77
CA GLY A 166 14.24 -12.14 -21.97
C GLY A 166 13.20 -12.92 -21.20
N GLY A 167 12.10 -12.26 -20.80
CA GLY A 167 11.10 -12.90 -19.96
C GLY A 167 11.42 -12.75 -18.50
N TRP A 168 12.54 -12.09 -18.19
CA TRP A 168 12.97 -11.95 -16.81
C TRP A 168 12.87 -10.51 -16.30
N GLN A 169 12.57 -10.34 -15.01
CA GLN A 169 12.64 -9.04 -14.36
C GLN A 169 14.09 -8.56 -14.29
N MET A 170 14.30 -7.29 -14.65
CA MET A 170 15.53 -6.55 -14.37
C MET A 170 15.11 -5.32 -13.57
N GLU A 171 16.00 -4.87 -12.67
CA GLU A 171 15.68 -3.72 -11.84
C GLU A 171 16.53 -2.55 -12.30
N GLU A 172 15.89 -1.38 -12.37
CA GLU A 172 16.57 -0.12 -12.64
C GLU A 172 16.12 0.87 -11.57
N ALA A 173 17.02 1.77 -11.21
CA ALA A 173 16.74 2.77 -10.18
C ALA A 173 15.56 3.65 -10.59
N ASP A 174 14.66 3.88 -9.62
CA ASP A 174 13.51 4.75 -9.81
C ASP A 174 13.89 6.20 -9.50
N ASP A 175 14.44 6.88 -10.51
CA ASP A 175 14.97 8.22 -10.34
C ASP A 175 13.81 9.23 -10.41
N TRP A 176 12.95 9.20 -9.39
CA TRP A 176 11.69 9.93 -9.45
C TRP A 176 11.85 11.44 -9.32
N LEU A 177 13.02 11.91 -8.92
CA LEU A 177 13.24 13.36 -8.69
C LEU A 177 14.16 13.96 -9.76
N ARG A 178 14.43 13.21 -10.82
CA ARG A 178 15.31 13.66 -11.93
C ARG A 178 14.88 15.04 -12.49
N TYR A 179 13.60 15.25 -12.73
CA TYR A 179 13.11 16.52 -13.32
C TYR A 179 12.43 17.35 -12.24
N GLY A 180 12.64 17.00 -10.97
CA GLY A 180 12.09 17.75 -9.84
C GLY A 180 10.75 17.28 -9.32
N ASN A 181 10.43 17.59 -8.08
CA ASN A 181 9.11 17.32 -7.53
C ASN A 181 8.46 18.67 -7.27
N PRO A 182 7.44 19.09 -8.05
CA PRO A 182 6.83 20.41 -7.87
C PRO A 182 5.85 20.54 -6.69
N TRP A 183 5.59 19.44 -5.98
CA TRP A 183 4.60 19.43 -4.92
C TRP A 183 5.20 19.74 -3.56
N GLU A 184 6.40 19.20 -3.32
CA GLU A 184 7.04 19.27 -2.01
C GLU A 184 7.62 20.65 -1.75
N LYS A 185 7.68 21.05 -0.48
CA LYS A 185 8.46 22.21 -0.07
C LYS A 185 9.62 21.79 0.84
N ALA A 186 10.84 22.07 0.39
CA ALA A 186 12.02 21.81 1.19
C ALA A 186 12.01 22.73 2.41
N ARG A 187 12.36 22.20 3.57
CA ARG A 187 12.41 23.00 4.81
C ARG A 187 13.79 22.84 5.48
N PRO A 188 14.89 23.31 4.87
CA PRO A 188 16.22 23.16 5.46
C PRO A 188 16.35 23.85 6.82
N GLU A 189 15.57 24.92 7.01
CA GLU A 189 15.57 25.67 8.25
C GLU A 189 15.11 24.83 9.44
N PHE A 190 14.35 23.76 9.17
CA PHE A 190 13.83 22.91 10.23
C PHE A 190 14.58 21.59 10.33
N THR A 191 15.83 21.56 9.85
CA THR A 191 16.68 20.40 9.97
C THR A 191 16.97 20.04 11.43
N LEU A 192 17.01 18.73 11.71
CA LEU A 192 17.18 18.22 13.06
C LEU A 192 18.30 17.19 13.13
N PRO A 193 19.03 17.11 14.25
CA PRO A 193 20.07 16.09 14.44
C PRO A 193 19.51 14.75 14.87
N VAL A 194 20.10 13.69 14.31
CA VAL A 194 19.76 12.30 14.71
C VAL A 194 21.11 11.68 15.08
N HIS A 195 21.14 10.89 16.13
CA HIS A 195 22.42 10.34 16.63
C HIS A 195 22.52 8.84 16.37
N PHE A 196 23.74 8.36 16.17
CA PHE A 196 23.95 6.92 15.95
C PHE A 196 25.20 6.44 16.69
N TYR A 197 25.28 5.14 16.92
CA TYR A 197 26.45 4.53 17.59
C TYR A 197 26.63 5.15 18.97
N GLY A 198 27.88 5.39 19.36
CA GLY A 198 28.16 6.03 20.64
C GLY A 198 28.22 5.09 21.81
N ARG A 199 27.98 5.64 23.00
CA ARG A 199 28.04 4.86 24.24
C ARG A 199 27.18 5.53 25.31
N VAL A 200 26.85 4.78 26.36
CA VAL A 200 26.05 5.32 27.45
C VAL A 200 26.91 5.50 28.69
N GLU A 201 26.84 6.71 29.26
CA GLU A 201 27.49 6.97 30.56
C GLU A 201 26.38 7.26 31.58
N HIS A 202 26.32 6.49 32.65
CA HIS A 202 25.32 6.70 33.72
C HIS A 202 25.98 7.61 34.74
N THR A 203 25.60 8.89 34.75
CA THR A 203 26.26 9.89 35.60
C THR A 203 25.45 10.24 36.84
N SER A 204 25.48 11.52 37.21
CA SER A 204 24.76 11.98 38.42
C SER A 204 23.26 11.94 38.19
N GLN A 205 22.78 12.80 37.31
CA GLN A 205 21.33 12.90 37.06
C GLN A 205 20.81 11.75 36.17
N GLY A 206 21.62 10.73 35.93
CA GLY A 206 21.13 9.56 35.17
C GLY A 206 22.00 9.21 33.98
N ALA A 207 21.39 8.70 32.91
CA ALA A 207 22.17 8.22 31.75
C ALA A 207 22.42 9.34 30.74
N LYS A 208 23.49 9.21 29.97
CA LYS A 208 23.82 10.20 28.93
C LYS A 208 24.38 9.46 27.72
N TRP A 209 23.77 9.69 26.56
CA TRP A 209 24.22 9.08 25.32
C TRP A 209 25.25 10.01 24.70
N VAL A 210 26.47 9.49 24.56
CA VAL A 210 27.61 10.34 24.13
C VAL A 210 28.44 9.66 23.05
N ASP A 211 29.39 10.40 22.47
CA ASP A 211 30.36 9.84 21.49
C ASP A 211 29.60 9.34 20.26
N THR A 212 28.55 10.07 19.88
CA THR A 212 27.67 9.65 18.78
C THR A 212 28.04 10.28 17.44
N GLN A 213 27.77 9.60 16.33
CA GLN A 213 27.91 10.20 15.02
C GLN A 213 26.56 10.84 14.70
N VAL A 214 26.60 12.07 14.18
CA VAL A 214 25.38 12.81 13.86
C VAL A 214 25.02 12.65 12.39
N VAL A 215 23.75 12.36 12.11
CA VAL A 215 23.18 12.53 10.79
C VAL A 215 22.03 13.55 10.83
N LEU A 216 22.13 14.62 10.04
CA LEU A 216 21.07 15.60 10.01
C LEU A 216 19.86 15.05 9.25
N ALA A 217 18.67 15.38 9.75
CA ALA A 217 17.42 15.03 9.10
C ALA A 217 16.76 16.30 8.57
N MET A 218 16.67 16.38 7.24
CA MET A 218 16.11 17.55 6.59
C MET A 218 14.69 17.23 6.10
N PRO A 219 13.64 17.93 6.57
CA PRO A 219 12.28 17.63 6.17
C PRO A 219 11.86 18.28 4.86
N TYR A 220 11.15 17.52 4.02
CA TYR A 220 10.43 18.05 2.89
C TYR A 220 8.93 17.86 3.14
N ASP A 221 8.15 18.94 3.06
CA ASP A 221 6.72 18.89 3.34
C ASP A 221 5.91 18.91 2.05
N THR A 222 5.02 17.94 1.92
CA THR A 222 4.13 17.80 0.79
C THR A 222 2.70 18.06 1.27
N PRO A 223 1.90 18.83 0.52
CA PRO A 223 0.50 19.03 0.86
C PRO A 223 -0.38 17.79 0.65
N VAL A 224 -1.39 17.63 1.52
CA VAL A 224 -2.31 16.51 1.47
C VAL A 224 -3.73 17.08 1.54
N PRO A 225 -4.40 17.27 0.37
CA PRO A 225 -5.73 17.89 0.34
C PRO A 225 -6.88 16.92 0.62
N GLY A 226 -7.81 17.32 1.49
CA GLY A 226 -9.05 16.59 1.68
C GLY A 226 -10.02 16.85 0.52
N TYR A 227 -11.14 16.14 0.52
CA TYR A 227 -12.11 16.28 -0.59
C TYR A 227 -13.01 17.49 -0.39
N ARG A 228 -12.67 18.59 -1.06
CA ARG A 228 -13.50 19.82 -1.07
C ARG A 228 -13.93 20.32 0.33
N ASN A 229 -13.01 20.32 1.30
CA ASN A 229 -13.30 20.78 2.67
C ASN A 229 -12.34 21.91 3.00
N ASN A 230 -11.53 22.31 2.02
CA ASN A 230 -10.56 23.44 2.17
C ASN A 230 -9.47 23.06 3.18
N VAL A 231 -9.37 21.78 3.49
CA VAL A 231 -8.33 21.30 4.45
C VAL A 231 -7.13 20.78 3.67
N VAL A 232 -5.94 21.23 4.06
CA VAL A 232 -4.68 20.72 3.45
C VAL A 232 -3.72 20.33 4.58
N ASN A 233 -3.55 19.04 4.81
CA ASN A 233 -2.62 18.53 5.82
C ASN A 233 -1.22 18.36 5.24
N THR A 234 -0.29 17.86 6.06
CA THR A 234 1.12 17.78 5.68
C THR A 234 1.65 16.35 5.76
N MET A 235 2.34 15.92 4.69
CA MET A 235 3.20 14.75 4.76
C MET A 235 4.63 15.26 4.84
N ARG A 236 5.32 14.93 5.95
CA ARG A 236 6.71 15.30 6.17
C ARG A 236 7.63 14.10 5.98
N LEU A 237 8.53 14.21 4.99
CA LEU A 237 9.47 13.15 4.67
C LEU A 237 10.89 13.63 4.94
N TRP A 238 11.63 12.89 5.78
CA TRP A 238 12.97 13.25 6.17
C TRP A 238 13.99 12.81 5.14
N SER A 239 14.96 13.69 4.87
CA SER A 239 16.03 13.41 3.95
C SER A 239 17.34 13.51 4.72
N ALA A 240 18.25 12.54 4.51
CA ALA A 240 19.46 12.45 5.29
C ALA A 240 20.53 13.39 4.76
N LYS A 241 21.20 14.10 5.67
CA LYS A 241 22.23 15.08 5.33
C LYS A 241 23.44 14.98 6.25
N ALA A 242 24.64 15.02 5.66
CA ALA A 242 25.87 15.00 6.44
C ALA A 242 25.93 16.23 7.34
N PRO A 243 26.50 16.06 8.56
CA PRO A 243 26.66 17.17 9.48
C PRO A 243 27.59 18.28 8.96
N ASN A 244 27.37 19.49 9.46
CA ASN A 244 28.13 20.67 8.99
C ASN A 244 29.63 20.52 9.26
N ASP A 245 30.00 19.77 10.27
CA ASP A 245 31.43 19.71 10.64
C ASP A 245 32.01 18.32 10.47
N PHE A 246 33.32 18.22 10.59
CA PHE A 246 34.01 16.94 10.50
C PHE A 246 34.37 16.44 11.89
N GLY A 254 42.06 9.81 5.06
CA GLY A 254 42.34 9.82 3.62
C GLY A 254 42.41 11.21 3.03
N GLY A 255 42.31 12.26 3.86
CA GLY A 255 42.44 13.62 3.35
C GLY A 255 41.15 14.41 3.28
N TYR A 256 41.23 15.68 2.93
CA TYR A 256 40.06 16.59 2.84
C TYR A 256 39.09 16.14 1.73
N ILE A 257 39.63 15.84 0.55
CA ILE A 257 38.75 15.43 -0.53
C ILE A 257 37.90 14.25 -0.10
N GLN A 258 38.56 13.22 0.46
CA GLN A 258 37.91 11.99 0.86
C GLN A 258 36.85 12.25 1.93
N ALA A 259 37.15 13.15 2.87
CA ALA A 259 36.21 13.50 3.92
C ALA A 259 34.92 14.09 3.35
N VAL A 260 35.06 14.89 2.29
CA VAL A 260 33.92 15.50 1.64
C VAL A 260 33.12 14.41 0.93
N LEU A 261 33.84 13.56 0.17
CA LEU A 261 33.21 12.41 -0.49
C LEU A 261 32.46 11.53 0.50
N ASP A 262 33.06 11.28 1.68
CA ASP A 262 32.52 10.38 2.69
C ASP A 262 31.23 10.88 3.34
N ARG A 263 30.88 12.15 3.10
CA ARG A 263 29.56 12.65 3.48
C ARG A 263 28.41 11.84 2.88
N ASN A 264 28.67 11.16 1.76
CA ASN A 264 27.75 10.22 1.14
C ASN A 264 27.25 9.09 2.04
N LEU A 265 28.16 8.59 2.89
CA LEU A 265 27.85 7.45 3.75
C LEU A 265 26.62 7.77 4.59
N ALA A 266 26.63 8.94 5.26
CA ALA A 266 25.51 9.35 6.08
C ALA A 266 24.27 9.62 5.23
N GLU A 267 24.49 10.15 4.03
CA GLU A 267 23.40 10.54 3.14
C GLU A 267 22.79 9.32 2.46
N ASN A 268 23.48 8.18 2.52
CA ASN A 268 22.93 6.94 2.03
C ASN A 268 21.72 6.42 2.82
N ILE A 269 21.45 6.95 4.00
CA ILE A 269 20.32 6.43 4.81
C ILE A 269 18.98 6.70 4.09
N SER A 270 18.84 7.82 3.37
CA SER A 270 17.59 8.20 2.68
C SER A 270 17.67 7.89 1.18
N ARG A 271 18.65 7.08 0.74
CA ARG A 271 18.89 6.89 -0.70
C ARG A 271 17.87 5.95 -1.34
N VAL A 272 17.58 4.83 -0.71
CA VAL A 272 16.69 3.93 -1.41
C VAL A 272 15.78 3.09 -0.50
N LEU A 273 14.52 2.95 -0.94
CA LEU A 273 13.56 2.06 -0.30
C LEU A 273 14.06 0.62 -0.40
N TYR A 274 14.07 -0.09 0.74
CA TYR A 274 14.31 -1.52 0.71
C TYR A 274 13.12 -2.16 0.00
N PRO A 275 13.33 -2.82 -1.16
CA PRO A 275 12.24 -3.28 -2.01
C PRO A 275 11.64 -4.63 -1.60
N ASN A 276 11.58 -4.89 -0.30
CA ASN A 276 11.02 -6.13 0.21
C ASN A 276 9.56 -5.95 0.59
N ASP A 277 8.70 -6.80 0.04
CA ASP A 277 7.29 -6.81 0.40
C ASP A 277 7.05 -8.05 1.25
N ASN A 278 6.62 -7.81 2.51
CA ASN A 278 6.26 -8.86 3.44
C ASN A 278 7.44 -9.79 3.71
N PHE A 279 8.63 -9.19 3.87
CA PHE A 279 9.86 -9.91 4.14
C PHE A 279 10.85 -9.05 4.91
N PHE A 280 11.37 -9.61 6.01
CA PHE A 280 12.34 -8.91 6.86
C PHE A 280 13.78 -9.21 6.46
N GLU A 281 14.56 -8.14 6.28
CA GLU A 281 16.01 -8.28 6.01
C GLU A 281 16.72 -7.47 7.09
N GLY A 282 17.53 -8.12 7.93
CA GLY A 282 18.19 -7.43 9.06
C GLY A 282 19.44 -6.67 8.69
N LYS A 283 19.35 -5.77 7.71
CA LYS A 283 20.50 -4.94 7.30
C LYS A 283 20.61 -3.72 8.21
N GLU A 284 21.82 -3.39 8.65
CA GLU A 284 22.04 -2.25 9.51
C GLU A 284 21.52 -0.96 8.86
N LEU A 285 21.65 -0.81 7.54
CA LEU A 285 21.18 0.42 6.85
C LEU A 285 19.67 0.55 7.01
N ARG A 286 18.95 -0.56 6.90
CA ARG A 286 17.52 -0.55 7.14
C ARG A 286 17.20 -0.14 8.57
N LEU A 287 17.93 -0.67 9.55
CA LEU A 287 17.74 -0.29 10.94
C LEU A 287 17.99 1.20 11.12
N LYS A 288 19.04 1.73 10.48
CA LYS A 288 19.34 3.15 10.53
C LYS A 288 18.20 4.02 9.98
N GLN A 289 17.58 3.55 8.91
CA GLN A 289 16.42 4.21 8.32
C GLN A 289 15.28 4.31 9.32
N GLU A 290 15.03 3.20 10.02
CA GLU A 290 13.96 3.15 11.02
C GLU A 290 14.23 4.11 12.17
N TYR A 291 15.45 4.13 12.71
CA TYR A 291 15.75 5.05 13.78
C TYR A 291 15.68 6.51 13.30
N PHE A 292 16.22 6.77 12.12
CA PHE A 292 16.26 8.13 11.54
C PHE A 292 14.87 8.76 11.52
N VAL A 293 13.88 8.03 11.02
CA VAL A 293 12.48 8.56 10.90
C VAL A 293 11.91 8.76 12.30
N VAL A 294 12.17 7.82 13.19
CA VAL A 294 11.58 7.89 14.55
C VAL A 294 12.24 9.03 15.35
N ALA A 295 13.55 9.20 15.24
CA ALA A 295 14.22 10.22 16.05
C ALA A 295 13.87 11.64 15.64
N ALA A 296 13.88 11.90 14.33
CA ALA A 296 13.59 13.23 13.82
C ALA A 296 12.12 13.57 14.10
N THR A 297 11.24 12.59 13.84
CA THR A 297 9.80 12.77 13.97
C THR A 297 9.42 13.10 15.41
N LEU A 298 9.99 12.37 16.38
CA LEU A 298 9.60 12.58 17.81
C LEU A 298 10.13 13.91 18.35
N GLN A 299 11.18 14.48 17.77
CA GLN A 299 11.68 15.81 18.17
C GLN A 299 10.65 16.86 17.75
N ASP A 300 10.09 16.72 16.56
CA ASP A 300 9.03 17.64 16.07
C ASP A 300 7.81 17.55 16.98
N ILE A 301 7.42 16.34 17.36
CA ILE A 301 6.20 16.13 18.18
C ILE A 301 6.40 16.78 19.56
N ILE A 302 7.56 16.60 20.16
CA ILE A 302 7.84 17.14 21.52
C ILE A 302 7.83 18.65 21.45
N ARG A 303 8.46 19.21 20.42
CA ARG A 303 8.55 20.67 20.26
C ARG A 303 7.14 21.26 20.05
N ARG A 304 6.36 20.66 19.15
CA ARG A 304 5.01 21.17 18.93
C ARG A 304 4.15 21.05 20.18
N PHE A 305 4.37 19.97 20.95
CA PHE A 305 3.67 19.79 22.21
C PHE A 305 3.99 20.94 23.17
N LYS A 306 5.27 21.35 23.23
CA LYS A 306 5.70 22.41 24.13
C LYS A 306 5.25 23.81 23.69
N SER A 307 5.09 23.98 22.38
CA SER A 307 4.60 25.28 21.82
CA SER A 307 4.60 25.27 21.81
C SER A 307 3.06 25.28 21.66
N SER A 308 2.43 24.79 22.70
CA SER A 308 0.95 24.71 22.67
C SER A 308 0.40 25.13 24.03
N LYS A 309 -0.91 25.29 24.14
CA LYS A 309 -1.57 25.66 25.42
C LYS A 309 -1.96 24.39 26.17
N THR A 318 8.61 20.67 31.84
CA THR A 318 7.26 20.58 31.25
C THR A 318 6.51 19.40 31.86
N ASN A 319 5.20 19.54 32.08
CA ASN A 319 4.41 18.38 32.56
C ASN A 319 3.89 17.65 31.32
N PHE A 320 4.29 16.40 31.16
CA PHE A 320 3.88 15.61 29.97
C PHE A 320 2.70 14.70 30.35
N ASP A 321 1.97 15.01 31.42
CA ASP A 321 0.77 14.17 31.73
C ASP A 321 -0.29 14.36 30.64
N ALA A 322 -0.25 15.48 29.94
CA ALA A 322 -1.27 15.79 28.91
C ALA A 322 -0.73 15.45 27.52
N PHE A 323 0.47 14.89 27.45
CA PHE A 323 1.07 14.51 26.15
C PHE A 323 0.15 13.54 25.42
N PRO A 324 -0.45 12.50 26.05
CA PRO A 324 -1.28 11.60 25.26
C PRO A 324 -2.66 12.16 24.92
N ASP A 325 -3.08 13.24 25.59
CA ASP A 325 -4.29 13.97 25.21
C ASP A 325 -4.05 14.82 23.98
N LYS A 326 -2.79 15.11 23.68
CA LYS A 326 -2.46 16.02 22.56
C LYS A 326 -1.67 15.28 21.48
N VAL A 327 -1.27 14.04 21.76
CA VAL A 327 -0.41 13.32 20.82
C VAL A 327 -0.90 11.87 20.65
N ALA A 328 -1.06 11.46 19.39
CA ALA A 328 -1.23 10.07 19.04
C ALA A 328 -0.13 9.70 18.03
N ILE A 329 0.60 8.62 18.35
CA ILE A 329 1.59 8.06 17.43
C ILE A 329 1.07 6.70 16.98
N GLN A 330 0.80 6.58 15.68
CA GLN A 330 0.33 5.32 15.11
C GLN A 330 1.49 4.68 14.34
N LEU A 331 1.80 3.43 14.70
CA LEU A 331 2.92 2.71 14.11
C LEU A 331 2.41 1.83 12.98
N ASN A 332 2.87 2.11 11.76
CA ASN A 332 2.52 1.32 10.59
C ASN A 332 3.51 0.15 10.55
N ASP A 333 3.06 -0.98 11.10
CA ASP A 333 3.89 -2.15 11.33
C ASP A 333 4.92 -1.81 12.39
N THR A 334 5.86 -2.74 12.62
CA THR A 334 6.92 -2.55 13.59
C THR A 334 8.09 -1.72 13.05
N HIS A 335 7.99 -1.28 11.80
CA HIS A 335 9.05 -0.53 11.15
C HIS A 335 9.44 0.72 11.94
N PRO A 336 8.51 1.53 12.47
CA PRO A 336 8.86 2.62 13.40
C PRO A 336 8.75 2.28 14.88
N SER A 337 8.89 1.00 15.24
CA SER A 337 8.80 0.49 16.64
C SER A 337 9.72 1.23 17.62
N LEU A 338 10.90 1.62 17.17
CA LEU A 338 11.91 2.30 18.03
C LEU A 338 11.34 3.60 18.60
N ALA A 339 10.18 4.05 18.12
CA ALA A 339 9.51 5.24 18.66
C ALA A 339 9.15 5.00 20.12
N ILE A 340 8.98 3.74 20.49
CA ILE A 340 8.63 3.44 21.88
C ILE A 340 9.84 3.60 22.80
N PRO A 341 10.98 2.90 22.56
CA PRO A 341 12.20 3.20 23.31
C PRO A 341 12.69 4.65 23.16
N GLU A 342 12.53 5.23 21.97
CA GLU A 342 12.92 6.61 21.73
C GLU A 342 12.10 7.62 22.55
N LEU A 343 10.79 7.43 22.64
CA LEU A 343 9.97 8.34 23.44
C LEU A 343 10.34 8.24 24.92
N MET A 344 10.57 7.01 25.39
CA MET A 344 11.04 6.79 26.76
C MET A 344 12.38 7.47 26.99
N ARG A 345 13.28 7.37 26.02
CA ARG A 345 14.63 7.91 26.14
C ARG A 345 14.58 9.43 26.36
N VAL A 346 13.77 10.10 25.53
CA VAL A 346 13.59 11.54 25.62
C VAL A 346 12.98 11.87 26.97
N LEU A 347 11.88 11.19 27.31
CA LEU A 347 11.17 11.49 28.55
C LEU A 347 12.03 11.27 29.81
N VAL A 348 12.80 10.18 29.85
CA VAL A 348 13.61 9.85 31.02
C VAL A 348 14.94 10.59 31.02
N ASP A 349 15.72 10.45 29.94
CA ASP A 349 17.08 10.99 29.91
C ASP A 349 17.17 12.49 29.69
N LEU A 350 16.22 13.09 28.97
CA LEU A 350 16.33 14.53 28.64
C LEU A 350 15.31 15.37 29.40
N GLU A 351 14.06 14.91 29.53
CA GLU A 351 13.00 15.66 30.23
C GLU A 351 13.07 15.35 31.72
N ARG A 352 13.78 14.28 32.10
CA ARG A 352 14.01 13.93 33.52
C ARG A 352 12.70 13.52 34.20
N LEU A 353 11.94 12.64 33.56
CA LEU A 353 10.71 12.11 34.19
C LEU A 353 11.02 10.74 34.78
N ASP A 354 10.34 10.36 35.87
CA ASP A 354 10.47 9.03 36.41
C ASP A 354 10.04 8.02 35.34
N TRP A 355 10.64 6.85 35.34
CA TRP A 355 10.37 5.81 34.31
C TRP A 355 8.88 5.47 34.21
N ASP A 356 8.20 5.35 35.34
CA ASP A 356 6.79 4.87 35.35
C ASP A 356 5.84 5.91 34.76
N LYS A 357 6.01 7.18 35.11
CA LYS A 357 5.20 8.24 34.49
C LYS A 357 5.52 8.27 33.00
N ALA A 358 6.80 8.19 32.66
CA ALA A 358 7.18 8.18 31.26
C ALA A 358 6.51 7.04 30.49
N TRP A 359 6.41 5.88 31.15
CA TRP A 359 5.84 4.69 30.52
C TRP A 359 4.32 4.80 30.45
N GLU A 360 3.70 5.41 31.46
CA GLU A 360 2.28 5.73 31.40
C GLU A 360 2.01 6.54 30.13
N VAL A 361 2.81 7.60 29.93
CA VAL A 361 2.65 8.49 28.79
C VAL A 361 2.84 7.74 27.46
N THR A 362 3.90 6.94 27.40
CA THR A 362 4.28 6.25 26.18
C THR A 362 3.20 5.31 25.68
N VAL A 363 2.66 4.48 26.58
CA VAL A 363 1.67 3.47 26.22
C VAL A 363 0.39 4.16 25.75
N LYS A 364 -0.04 5.20 26.47
CA LYS A 364 -1.22 5.96 26.06
C LYS A 364 -1.02 6.70 24.74
N THR A 365 0.22 6.96 24.37
CA THR A 365 0.49 7.74 23.14
C THR A 365 0.65 6.82 21.92
N CYS A 366 1.13 5.60 22.11
CA CYS A 366 1.49 4.73 20.96
C CYS A 366 0.49 3.60 20.71
N ALA A 367 0.29 3.28 19.43
CA ALA A 367 -0.62 2.19 19.04
C ALA A 367 0.00 1.48 17.84
N TYR A 368 -0.17 0.16 17.74
CA TYR A 368 0.52 -0.61 16.70
C TYR A 368 -0.45 -1.33 15.76
N THR A 369 -0.22 -1.20 14.46
CA THR A 369 -1.00 -1.89 13.44
C THR A 369 -0.16 -3.01 12.82
N ASN A 370 -0.68 -4.24 12.88
CA ASN A 370 -0.04 -5.42 12.33
C ASN A 370 -0.66 -5.78 10.98
N HIS A 371 0.20 -6.17 10.02
CA HIS A 371 -0.19 -6.39 8.63
C HIS A 371 -0.02 -7.82 8.11
N THR A 372 0.55 -8.69 8.92
CA THR A 372 0.83 -10.09 8.47
C THR A 372 1.03 -11.03 9.66
N VAL A 373 0.75 -12.31 9.44
CA VAL A 373 0.97 -13.35 10.48
C VAL A 373 2.13 -14.20 9.98
N ILE A 374 2.62 -13.89 8.78
CA ILE A 374 3.72 -14.65 8.14
C ILE A 374 5.06 -14.37 8.84
N PRO A 375 5.79 -15.41 9.25
CA PRO A 375 7.04 -15.24 10.03
C PRO A 375 8.22 -14.53 9.37
N GLU A 376 8.42 -14.73 8.07
CA GLU A 376 9.55 -14.10 7.32
C GLU A 376 9.37 -12.59 7.19
N ALA A 377 8.20 -12.07 7.56
CA ALA A 377 7.92 -10.62 7.47
C ALA A 377 8.15 -9.94 8.80
N LEU A 378 8.21 -10.71 9.89
CA LEU A 378 8.25 -10.08 11.19
C LEU A 378 9.66 -9.70 11.60
N GLU A 379 9.80 -8.51 12.20
CA GLU A 379 11.09 -7.96 12.54
C GLU A 379 11.64 -8.50 13.86
N ARG A 380 12.85 -9.05 13.80
N ARG A 380 12.82 -9.13 13.80
CA ARG A 380 13.56 -9.60 14.94
CA ARG A 380 13.54 -9.54 14.99
C ARG A 380 15.05 -9.23 14.81
C ARG A 380 15.02 -9.21 14.81
N TRP A 381 15.42 -8.09 15.42
CA TRP A 381 16.74 -7.51 15.25
C TRP A 381 17.79 -8.11 16.18
N PRO A 382 18.95 -8.56 15.67
CA PRO A 382 20.05 -9.00 16.54
C PRO A 382 20.44 -7.97 17.60
N VAL A 383 20.55 -8.42 18.86
CA VAL A 383 20.92 -7.53 19.96
C VAL A 383 22.29 -6.87 19.77
N HIS A 384 23.24 -7.58 19.17
CA HIS A 384 24.56 -7.02 18.90
C HIS A 384 24.43 -5.77 18.03
N LEU A 385 23.54 -5.85 17.04
CA LEU A 385 23.36 -4.75 16.10
C LEU A 385 22.71 -3.55 16.81
N LEU A 386 21.74 -3.83 17.67
CA LEU A 386 21.09 -2.80 18.48
C LEU A 386 22.05 -2.22 19.50
N GLU A 387 22.93 -3.06 20.02
CA GLU A 387 23.90 -2.63 21.03
C GLU A 387 24.93 -1.67 20.44
N THR A 388 25.40 -1.97 19.23
CA THR A 388 26.38 -1.12 18.57
C THR A 388 25.73 0.19 18.15
N LEU A 389 24.65 0.08 17.39
CA LEU A 389 24.07 1.25 16.71
C LEU A 389 23.28 2.15 17.65
N LEU A 390 22.62 1.55 18.66
CA LEU A 390 21.71 2.28 19.53
C LEU A 390 21.81 1.77 20.97
N PRO A 391 22.95 1.95 21.65
CA PRO A 391 23.17 1.30 22.94
C PRO A 391 22.14 1.64 24.02
N ARG A 392 21.68 2.90 24.01
CA ARG A 392 20.77 3.35 25.04
C ARG A 392 19.38 2.78 24.82
N HIS A 393 19.01 2.60 23.54
CA HIS A 393 17.73 2.00 23.20
C HIS A 393 17.65 0.54 23.66
N LEU A 394 18.76 -0.20 23.49
CA LEU A 394 18.80 -1.58 23.92
C LEU A 394 18.64 -1.66 25.45
N GLN A 395 19.33 -0.77 26.17
CA GLN A 395 19.17 -0.71 27.62
C GLN A 395 17.71 -0.54 28.02
N ILE A 396 17.01 0.34 27.31
CA ILE A 396 15.65 0.70 27.62
C ILE A 396 14.71 -0.46 27.29
N ILE A 397 14.97 -1.11 26.16
CA ILE A 397 14.24 -2.31 25.78
C ILE A 397 14.34 -3.40 26.85
N TYR A 398 15.54 -3.62 27.40
CA TYR A 398 15.74 -4.63 28.45
C TYR A 398 14.94 -4.28 29.70
N GLU A 399 14.94 -3.00 30.07
CA GLU A 399 14.18 -2.53 31.21
C GLU A 399 12.68 -2.69 30.99
N ILE A 400 12.22 -2.28 29.80
CA ILE A 400 10.83 -2.47 29.40
C ILE A 400 10.45 -3.93 29.55
N ASN A 401 11.33 -4.82 29.06
CA ASN A 401 11.09 -6.24 29.09
C ASN A 401 10.97 -6.77 30.52
N GLN A 402 11.83 -6.31 31.43
CA GLN A 402 11.78 -6.77 32.83
C GLN A 402 10.45 -6.41 33.49
N ARG A 403 10.00 -5.17 33.32
CA ARG A 403 8.79 -4.72 33.99
C ARG A 403 7.57 -5.35 33.36
N PHE A 404 7.63 -5.55 32.04
CA PHE A 404 6.57 -6.23 31.32
C PHE A 404 6.43 -7.70 31.73
N LEU A 405 7.56 -8.39 31.85
CA LEU A 405 7.53 -9.79 32.22
C LEU A 405 7.15 -9.95 33.70
N ASN A 406 7.51 -8.96 34.53
CA ASN A 406 7.02 -8.89 35.89
C ASN A 406 5.49 -8.87 35.97
N ARG A 407 4.84 -8.16 35.03
CA ARG A 407 3.39 -8.11 35.00
C ARG A 407 2.80 -9.45 34.57
N VAL A 408 3.46 -10.09 33.59
CA VAL A 408 3.08 -11.43 33.18
C VAL A 408 3.16 -12.35 34.38
N ALA A 409 4.29 -12.34 35.08
CA ALA A 409 4.50 -13.20 36.24
C ALA A 409 3.39 -13.03 37.28
N ALA A 410 3.03 -11.79 37.57
CA ALA A 410 2.00 -11.49 38.56
C ALA A 410 0.59 -11.88 38.10
N ALA A 411 0.35 -11.79 36.78
CA ALA A 411 -0.93 -12.16 36.21
C ALA A 411 -1.08 -13.67 36.06
N PHE A 412 0.04 -14.35 35.75
CA PHE A 412 0.06 -15.78 35.56
C PHE A 412 1.20 -16.38 36.39
N PRO A 413 1.06 -16.46 37.73
CA PRO A 413 2.14 -16.97 38.57
C PRO A 413 2.51 -18.41 38.21
N GLY A 414 3.80 -18.64 37.97
CA GLY A 414 4.33 -19.97 37.72
C GLY A 414 4.36 -20.37 36.25
N ASP A 415 3.71 -19.59 35.38
CA ASP A 415 3.74 -19.85 33.91
C ASP A 415 5.05 -19.30 33.33
N VAL A 416 6.13 -20.06 33.49
CA VAL A 416 7.48 -19.63 33.01
C VAL A 416 7.49 -19.79 31.51
N ASP A 417 6.65 -20.70 31.03
CA ASP A 417 6.51 -20.95 29.58
C ASP A 417 5.97 -19.68 28.90
N ARG A 418 4.95 -19.07 29.49
CA ARG A 418 4.40 -17.81 28.94
C ARG A 418 5.47 -16.74 29.03
N LEU A 419 6.23 -16.72 30.11
CA LEU A 419 7.28 -15.72 30.24
C LEU A 419 8.22 -15.79 29.04
N ARG A 420 8.72 -16.98 28.74
CA ARG A 420 9.70 -17.14 27.64
C ARG A 420 9.06 -16.81 26.29
N ARG A 421 7.81 -17.21 26.09
CA ARG A 421 7.13 -16.90 24.84
C ARG A 421 6.85 -15.41 24.65
N MET A 422 6.56 -14.70 25.74
CA MET A 422 6.13 -13.29 25.63
C MET A 422 7.34 -12.34 25.71
N SER A 423 8.52 -12.86 25.99
CA SER A 423 9.69 -12.00 26.13
C SER A 423 9.96 -11.16 24.88
N LEU A 424 10.35 -9.91 25.10
CA LEU A 424 10.82 -9.07 24.02
C LEU A 424 12.13 -9.62 23.48
N VAL A 425 12.86 -10.34 24.34
CA VAL A 425 14.13 -10.95 23.97
C VAL A 425 13.91 -12.40 23.56
N GLU A 426 14.36 -12.73 22.34
CA GLU A 426 14.28 -14.07 21.78
C GLU A 426 15.66 -14.75 21.88
N GLU A 427 15.73 -15.88 22.58
CA GLU A 427 16.99 -16.59 22.77
C GLU A 427 17.33 -17.46 21.57
N GLY A 428 18.60 -17.82 21.45
CA GLY A 428 19.09 -18.62 20.35
C GLY A 428 20.57 -18.38 20.05
N ALA A 429 21.06 -19.02 18.98
CA ALA A 429 22.43 -18.83 18.53
C ALA A 429 22.72 -17.33 18.43
N VAL A 430 21.78 -16.59 17.83
CA VAL A 430 21.81 -15.14 17.85
C VAL A 430 20.63 -14.62 18.67
N LYS A 431 20.93 -13.93 19.74
CA LYS A 431 19.86 -13.28 20.54
C LYS A 431 19.30 -12.11 19.75
N ARG A 432 17.97 -11.98 19.78
CA ARG A 432 17.30 -10.92 19.01
C ARG A 432 16.17 -10.30 19.81
N ILE A 433 15.79 -9.08 19.43
CA ILE A 433 14.62 -8.42 19.98
C ILE A 433 13.45 -8.60 19.03
N ASN A 434 12.34 -9.14 19.55
CA ASN A 434 11.09 -9.23 18.82
C ASN A 434 10.34 -7.90 18.82
N MET A 435 10.24 -7.26 17.64
CA MET A 435 9.79 -5.88 17.60
C MET A 435 8.27 -5.77 17.72
N ALA A 436 7.55 -6.83 17.31
CA ALA A 436 6.12 -6.88 17.54
C ALA A 436 5.81 -6.93 19.03
N HIS A 437 6.60 -7.70 19.78
CA HIS A 437 6.39 -7.80 21.22
C HIS A 437 6.60 -6.45 21.91
N LEU A 438 7.68 -5.75 21.55
CA LEU A 438 7.93 -4.40 22.03
C LEU A 438 6.74 -3.48 21.74
N CYS A 439 6.20 -3.56 20.52
CA CYS A 439 5.07 -2.73 20.14
C CYS A 439 3.85 -2.98 21.02
N ILE A 440 3.55 -4.26 21.28
CA ILE A 440 2.38 -4.61 22.06
C ILE A 440 2.54 -4.09 23.48
N ALA A 441 3.73 -4.34 24.06
CA ALA A 441 4.04 -3.91 25.42
C ALA A 441 3.92 -2.40 25.54
N GLY A 442 4.34 -1.68 24.50
CA GLY A 442 4.43 -0.23 24.53
C GLY A 442 3.30 0.53 23.85
N SER A 443 2.21 -0.17 23.56
CA SER A 443 1.06 0.45 22.86
C SER A 443 -0.23 0.11 23.59
N HIS A 444 -1.19 1.03 23.58
CA HIS A 444 -2.50 0.81 24.25
C HIS A 444 -3.45 0.14 23.26
N ALA A 445 -3.14 0.23 21.98
CA ALA A 445 -3.99 -0.40 20.96
C ALA A 445 -3.17 -1.21 19.96
N VAL A 446 -3.58 -2.44 19.72
CA VAL A 446 -3.00 -3.30 18.70
C VAL A 446 -4.14 -3.72 17.78
N ASN A 447 -3.99 -3.48 16.47
CA ASN A 447 -5.03 -3.89 15.54
C ASN A 447 -4.47 -4.67 14.36
N GLY A 448 -5.24 -5.69 13.94
CA GLY A 448 -5.15 -6.26 12.61
C GLY A 448 -5.99 -5.45 11.62
N VAL A 449 -5.83 -5.79 10.35
CA VAL A 449 -6.39 -4.95 9.26
C VAL A 449 -7.59 -5.62 8.58
N ALA A 450 -8.07 -6.73 9.11
CA ALA A 450 -9.31 -7.37 8.63
C ALA A 450 -9.80 -8.25 9.77
N ARG A 451 -11.11 -8.50 9.82
N ARG A 451 -11.11 -8.50 9.82
CA ARG A 451 -11.70 -9.28 10.94
CA ARG A 451 -11.70 -9.28 10.94
C ARG A 451 -10.98 -10.62 11.14
C ARG A 451 -10.98 -10.62 11.14
N ILE A 452 -10.89 -11.43 10.07
CA ILE A 452 -10.24 -12.77 10.18
C ILE A 452 -8.82 -12.64 10.71
N HIS A 453 -8.05 -11.66 10.23
CA HIS A 453 -6.65 -11.45 10.64
C HIS A 453 -6.60 -11.05 12.12
N SER A 454 -7.48 -10.13 12.52
CA SER A 454 -7.55 -9.66 13.93
C SER A 454 -7.98 -10.83 14.83
N GLU A 455 -8.85 -11.71 14.34
CA GLU A 455 -9.17 -12.92 15.09
C GLU A 455 -7.98 -13.89 15.15
N ILE A 456 -7.32 -14.11 14.01
CA ILE A 456 -6.19 -15.03 13.94
C ILE A 456 -5.06 -14.60 14.87
N LEU A 457 -4.90 -13.30 15.09
CA LEU A 457 -3.82 -12.79 15.96
C LEU A 457 -4.11 -13.15 17.44
N LYS A 458 -5.36 -13.07 17.87
CA LYS A 458 -5.72 -13.29 19.29
C LYS A 458 -5.80 -14.79 19.59
N LYS A 459 -5.82 -15.62 18.55
CA LYS A 459 -5.93 -17.09 18.70
C LYS A 459 -4.58 -17.75 18.48
N THR A 460 -3.61 -17.01 17.96
CA THR A 460 -2.32 -17.64 17.59
C THR A 460 -1.14 -16.74 17.95
N ILE A 461 -0.57 -16.04 16.96
CA ILE A 461 0.66 -15.21 17.14
C ILE A 461 0.66 -14.39 18.44
N PHE A 462 -0.45 -13.73 18.77
CA PHE A 462 -0.46 -12.84 19.94
C PHE A 462 -1.45 -13.31 21.01
N LYS A 463 -1.81 -14.59 21.05
CA LYS A 463 -2.84 -15.08 22.02
C LYS A 463 -2.43 -14.81 23.48
N ASP A 464 -1.16 -14.97 23.81
CA ASP A 464 -0.67 -14.74 25.19
C ASP A 464 -0.84 -13.25 25.55
N PHE A 465 -0.61 -12.36 24.60
CA PHE A 465 -0.76 -10.91 24.83
C PHE A 465 -2.24 -10.58 24.92
N TYR A 466 -3.07 -11.22 24.11
CA TYR A 466 -4.50 -11.05 24.21
C TYR A 466 -5.03 -11.50 25.58
N GLU A 467 -4.45 -12.57 26.15
CA GLU A 467 -4.90 -13.08 27.44
C GLU A 467 -4.51 -12.15 28.59
N LEU A 468 -3.33 -11.53 28.48
CA LEU A 468 -2.87 -10.58 29.49
C LEU A 468 -3.63 -9.26 29.40
N GLU A 469 -3.89 -8.79 28.17
CA GLU A 469 -4.45 -7.47 27.98
C GLU A 469 -5.49 -7.52 26.86
N PRO A 470 -6.65 -8.16 27.09
CA PRO A 470 -7.64 -8.35 26.02
C PRO A 470 -8.02 -7.01 25.40
N HIS A 471 -8.18 -6.02 26.30
CA HIS A 471 -8.65 -4.69 25.95
C HIS A 471 -7.82 -4.00 24.87
N LYS A 472 -6.52 -4.34 24.75
CA LYS A 472 -5.66 -3.76 23.73
C LYS A 472 -6.02 -4.12 22.28
N PHE A 473 -6.60 -5.32 22.08
CA PHE A 473 -6.65 -5.90 20.75
C PHE A 473 -7.92 -5.51 20.00
N GLN A 474 -7.73 -4.90 18.82
CA GLN A 474 -8.83 -4.40 18.02
C GLN A 474 -8.76 -4.89 16.57
N ASN A 475 -9.82 -4.61 15.83
CA ASN A 475 -9.81 -4.77 14.40
C ASN A 475 -10.06 -3.41 13.74
N LYS A 476 -9.40 -3.20 12.59
CA LYS A 476 -9.64 -2.04 11.76
C LYS A 476 -9.53 -2.49 10.31
N THR A 477 -10.64 -2.96 9.74
CA THR A 477 -10.61 -3.47 8.38
C THR A 477 -10.13 -2.35 7.46
N ASN A 478 -9.13 -2.70 6.65
CA ASN A 478 -8.54 -1.78 5.70
C ASN A 478 -9.56 -1.18 4.74
N GLY A 479 -9.12 -0.13 4.07
CA GLY A 479 -9.93 0.62 3.15
C GLY A 479 -9.06 1.28 2.09
N ILE A 480 -9.73 1.82 1.07
CA ILE A 480 -9.13 2.53 -0.04
C ILE A 480 -9.93 3.83 -0.19
N THR A 481 -9.28 4.87 -0.70
CA THR A 481 -9.93 6.16 -0.88
C THR A 481 -10.71 6.16 -2.19
N PRO A 482 -12.03 6.46 -2.16
CA PRO A 482 -12.84 6.54 -3.37
C PRO A 482 -12.54 7.76 -4.23
N ARG A 483 -11.67 8.65 -3.75
CA ARG A 483 -11.18 9.72 -4.61
C ARG A 483 -10.24 9.12 -5.66
N ARG A 484 -9.05 8.70 -5.25
CA ARG A 484 -8.11 8.09 -6.20
C ARG A 484 -8.74 6.91 -6.93
N TRP A 485 -9.41 6.02 -6.18
CA TRP A 485 -9.76 4.70 -6.66
C TRP A 485 -11.14 4.57 -7.29
N LEU A 486 -11.82 5.72 -7.49
CA LEU A 486 -13.04 5.78 -8.28
C LEU A 486 -13.09 7.07 -9.09
N VAL A 487 -13.21 8.22 -8.42
CA VAL A 487 -13.35 9.48 -9.13
C VAL A 487 -12.18 9.77 -10.08
N LEU A 488 -10.95 9.65 -9.57
CA LEU A 488 -9.75 9.84 -10.38
C LEU A 488 -9.69 8.82 -11.50
N CYS A 489 -9.67 7.54 -11.13
CA CYS A 489 -9.28 6.50 -12.06
C CYS A 489 -10.43 6.07 -12.98
N ASN A 490 -11.67 6.21 -12.51
CA ASN A 490 -12.83 5.75 -13.28
C ASN A 490 -13.92 6.80 -13.37
N PRO A 491 -13.65 7.96 -14.01
CA PRO A 491 -14.61 9.08 -14.05
C PRO A 491 -15.95 8.74 -14.69
N GLY A 492 -15.92 7.87 -15.70
CA GLY A 492 -17.13 7.36 -16.33
C GLY A 492 -18.08 6.66 -15.36
N LEU A 493 -17.53 5.79 -14.50
CA LEU A 493 -18.33 5.10 -13.50
C LEU A 493 -18.82 6.05 -12.41
N ALA A 494 -17.94 6.93 -11.93
CA ALA A 494 -18.34 7.93 -10.96
C ALA A 494 -19.53 8.77 -11.46
N GLU A 495 -19.52 9.08 -12.77
CA GLU A 495 -20.53 9.95 -13.34
C GLU A 495 -21.89 9.26 -13.34
N ILE A 496 -21.94 8.03 -13.88
CA ILE A 496 -23.22 7.33 -14.01
C ILE A 496 -23.78 7.06 -12.61
N ILE A 497 -22.90 6.87 -11.63
CA ILE A 497 -23.35 6.79 -10.25
C ILE A 497 -23.92 8.14 -9.82
N ALA A 498 -23.20 9.24 -10.12
CA ALA A 498 -23.64 10.59 -9.73
C ALA A 498 -24.96 11.02 -10.34
N GLU A 499 -25.26 10.52 -11.55
CA GLU A 499 -26.50 10.82 -12.25
C GLU A 499 -27.72 10.28 -11.51
N ARG A 500 -27.55 9.12 -10.89
CA ARG A 500 -28.64 8.54 -10.07
CA ARG A 500 -28.63 8.54 -10.07
C ARG A 500 -28.72 9.04 -8.60
N ILE A 501 -27.55 9.10 -7.96
CA ILE A 501 -27.59 9.43 -6.54
C ILE A 501 -26.92 10.73 -6.09
N GLY A 502 -26.39 11.50 -7.05
CA GLY A 502 -25.68 12.72 -6.72
C GLY A 502 -24.27 12.40 -6.23
N GLU A 503 -23.62 13.42 -5.66
CA GLU A 503 -22.20 13.39 -5.39
C GLU A 503 -21.76 13.13 -3.96
N GLU A 504 -22.70 13.11 -3.01
CA GLU A 504 -22.35 12.94 -1.61
C GLU A 504 -21.61 11.64 -1.33
N TYR A 505 -21.83 10.61 -2.15
CA TYR A 505 -21.22 9.31 -1.93
C TYR A 505 -19.70 9.37 -1.99
N ILE A 506 -19.15 10.36 -2.70
CA ILE A 506 -17.71 10.47 -2.86
C ILE A 506 -16.97 10.59 -1.54
N SER A 507 -17.62 11.15 -0.51
CA SER A 507 -17.11 11.10 0.85
C SER A 507 -18.13 10.52 1.83
N ASP A 508 -18.96 9.60 1.32
CA ASP A 508 -19.92 8.89 2.14
C ASP A 508 -20.31 7.62 1.39
N LEU A 509 -19.33 6.72 1.23
CA LEU A 509 -19.39 5.68 0.21
C LEU A 509 -20.46 4.63 0.49
N ASP A 510 -20.92 4.53 1.74
CA ASP A 510 -22.05 3.67 2.08
C ASP A 510 -23.32 4.02 1.30
N GLN A 511 -23.40 5.25 0.77
CA GLN A 511 -24.50 5.66 -0.09
C GLN A 511 -24.58 4.88 -1.40
N LEU A 512 -23.53 4.11 -1.72
CA LEU A 512 -23.54 3.27 -2.91
C LEU A 512 -24.62 2.19 -2.85
N ARG A 513 -25.08 1.84 -1.65
CA ARG A 513 -26.13 0.82 -1.47
C ARG A 513 -27.41 1.26 -2.19
N LYS A 514 -27.59 2.56 -2.35
CA LYS A 514 -28.72 3.07 -3.09
C LYS A 514 -28.78 2.47 -4.49
N LEU A 515 -27.62 2.04 -5.02
CA LEU A 515 -27.54 1.49 -6.36
C LEU A 515 -28.19 0.10 -6.47
N LEU A 516 -28.45 -0.56 -5.35
CA LEU A 516 -29.20 -1.81 -5.42
C LEU A 516 -30.62 -1.61 -5.96
N SER A 517 -31.20 -0.40 -5.77
CA SER A 517 -32.44 -0.06 -6.46
C SER A 517 -32.39 -0.12 -7.98
N TYR A 518 -31.18 -0.21 -8.57
CA TYR A 518 -31.04 -0.21 -10.02
C TYR A 518 -30.68 -1.55 -10.66
N VAL A 519 -30.76 -2.65 -9.92
CA VAL A 519 -30.38 -3.94 -10.48
C VAL A 519 -31.24 -4.33 -11.69
N ASP A 520 -32.44 -3.75 -11.79
CA ASP A 520 -33.33 -4.03 -12.91
C ASP A 520 -33.64 -2.81 -13.78
N ASP A 521 -32.88 -1.74 -13.59
CA ASP A 521 -32.97 -0.53 -14.45
C ASP A 521 -32.15 -0.79 -15.70
N GLU A 522 -32.78 -0.74 -16.87
CA GLU A 522 -32.10 -1.10 -18.14
C GLU A 522 -31.02 -0.10 -18.52
N ALA A 523 -31.19 1.17 -18.15
CA ALA A 523 -30.22 2.21 -18.56
C ALA A 523 -28.94 2.06 -17.73
N PHE A 524 -29.11 1.85 -16.42
CA PHE A 524 -27.93 1.62 -15.55
C PHE A 524 -27.24 0.35 -16.00
N ILE A 525 -27.99 -0.72 -16.25
CA ILE A 525 -27.35 -1.94 -16.71
C ILE A 525 -26.55 -1.69 -17.98
N ARG A 526 -27.13 -0.93 -18.91
CA ARG A 526 -26.48 -0.55 -20.15
C ARG A 526 -25.27 0.33 -19.90
N ASP A 527 -25.44 1.33 -19.04
CA ASP A 527 -24.39 2.29 -18.74
C ASP A 527 -23.22 1.65 -17.99
N VAL A 528 -23.53 0.79 -17.02
CA VAL A 528 -22.49 0.08 -16.28
C VAL A 528 -21.62 -0.73 -17.24
N ALA A 529 -22.25 -1.46 -18.15
CA ALA A 529 -21.51 -2.24 -19.13
C ALA A 529 -20.74 -1.36 -20.11
N LYS A 530 -21.34 -0.23 -20.51
CA LYS A 530 -20.74 0.69 -21.47
C LYS A 530 -19.46 1.30 -20.91
N VAL A 531 -19.49 1.68 -19.64
CA VAL A 531 -18.31 2.26 -19.00
C VAL A 531 -17.19 1.23 -18.99
N LYS A 532 -17.51 -0.01 -18.63
CA LYS A 532 -16.50 -1.06 -18.58
C LYS A 532 -15.88 -1.25 -19.95
N GLN A 533 -16.73 -1.31 -20.99
CA GLN A 533 -16.24 -1.43 -22.34
C GLN A 533 -15.27 -0.29 -22.67
N GLU A 534 -15.64 0.95 -22.32
CA GLU A 534 -14.79 2.10 -22.54
C GLU A 534 -13.43 1.99 -21.85
N ASN A 535 -13.43 1.61 -20.57
CA ASN A 535 -12.19 1.40 -19.85
C ASN A 535 -11.32 0.32 -20.49
N LYS A 536 -11.95 -0.73 -21.03
CA LYS A 536 -11.24 -1.82 -21.65
C LYS A 536 -10.61 -1.43 -22.98
N LEU A 537 -11.35 -0.69 -23.82
CA LEU A 537 -10.83 -0.20 -25.09
C LEU A 537 -9.65 0.75 -24.89
N LYS A 538 -9.70 1.53 -23.81
CA LYS A 538 -8.67 2.51 -23.51
C LYS A 538 -7.39 1.83 -23.02
N PHE A 539 -7.56 0.76 -22.23
CA PHE A 539 -6.42 0.01 -21.74
C PHE A 539 -5.76 -0.78 -22.86
N ALA A 540 -6.58 -1.40 -23.72
CA ALA A 540 -6.09 -2.10 -24.91
C ALA A 540 -5.24 -1.19 -25.78
N ALA A 541 -5.74 0.03 -26.02
CA ALA A 541 -5.01 1.05 -26.78
C ALA A 541 -3.70 1.42 -26.10
N TYR A 542 -3.70 1.48 -24.76
CA TYR A 542 -2.49 1.75 -23.99
C TYR A 542 -1.37 0.76 -24.27
N LEU A 543 -1.71 -0.52 -24.32
CA LEU A 543 -0.66 -1.54 -24.51
C LEU A 543 -0.07 -1.39 -25.90
N GLU A 544 -0.90 -1.02 -26.88
CA GLU A 544 -0.41 -0.93 -28.28
C GLU A 544 0.62 0.19 -28.40
N ARG A 545 0.29 1.41 -27.99
CA ARG A 545 1.19 2.56 -28.15
C ARG A 545 2.46 2.41 -27.33
N GLU A 546 2.33 1.98 -26.08
CA GLU A 546 3.47 1.94 -25.18
C GLU A 546 4.29 0.65 -25.25
N TYR A 547 3.67 -0.45 -25.71
CA TYR A 547 4.38 -1.76 -25.68
C TYR A 547 4.09 -2.59 -26.93
N LYS A 548 3.38 -2.02 -27.91
CA LYS A 548 3.04 -2.74 -29.17
C LYS A 548 2.52 -4.15 -28.83
N VAL A 549 1.54 -4.23 -27.94
CA VAL A 549 0.95 -5.53 -27.53
C VAL A 549 -0.51 -5.58 -27.98
N HIS A 550 -0.89 -6.60 -28.75
CA HIS A 550 -2.27 -6.76 -29.17
C HIS A 550 -3.10 -7.59 -28.18
N ILE A 551 -4.18 -6.98 -27.66
CA ILE A 551 -5.16 -7.71 -26.86
C ILE A 551 -6.55 -7.59 -27.47
N ASN A 552 -7.34 -8.66 -27.29
CA ASN A 552 -8.68 -8.79 -27.85
C ASN A 552 -9.72 -8.12 -26.96
N PRO A 553 -10.33 -6.99 -27.37
CA PRO A 553 -11.21 -6.23 -26.47
C PRO A 553 -12.56 -6.89 -26.19
N ASN A 554 -12.93 -7.90 -26.99
CA ASN A 554 -14.07 -8.75 -26.68
C ASN A 554 -13.66 -10.04 -25.97
N SER A 555 -12.69 -9.93 -25.06
CA SER A 555 -12.29 -11.06 -24.23
C SER A 555 -12.52 -10.65 -22.78
N LEU A 556 -12.62 -11.66 -21.91
CA LEU A 556 -12.78 -11.43 -20.48
C LEU A 556 -11.42 -11.05 -19.92
N PHE A 557 -11.34 -9.90 -19.24
CA PHE A 557 -10.08 -9.40 -18.70
C PHE A 557 -9.88 -9.93 -17.28
N ASP A 558 -8.99 -10.94 -17.19
CA ASP A 558 -8.69 -11.68 -15.98
C ASP A 558 -7.38 -11.15 -15.43
N VAL A 559 -7.45 -10.41 -14.32
CA VAL A 559 -6.32 -9.63 -13.85
C VAL A 559 -5.92 -10.05 -12.44
N GLN A 560 -4.63 -10.42 -12.29
CA GLN A 560 -4.03 -10.60 -10.98
C GLN A 560 -2.84 -9.64 -10.87
N VAL A 561 -3.04 -8.54 -10.15
CA VAL A 561 -1.98 -7.57 -9.94
C VAL A 561 -1.77 -7.31 -8.44
N LYS A 562 -0.48 -7.36 -8.06
CA LYS A 562 -0.03 -7.39 -6.68
C LYS A 562 1.41 -7.91 -6.73
N ARG A 563 2.15 -7.69 -5.64
CA ARG A 563 3.53 -8.16 -5.57
C ARG A 563 3.62 -9.68 -5.77
N ILE A 564 4.69 -10.13 -6.43
CA ILE A 564 4.85 -11.54 -6.72
C ILE A 564 5.25 -12.27 -5.43
N HIS A 565 4.51 -13.34 -5.12
CA HIS A 565 4.64 -14.02 -3.84
C HIS A 565 4.22 -15.49 -3.94
N GLU A 566 4.84 -16.34 -3.13
CA GLU A 566 4.32 -17.69 -2.98
C GLU A 566 2.92 -17.68 -2.36
N TYR A 567 2.72 -16.84 -1.34
CA TYR A 567 1.50 -16.89 -0.54
C TYR A 567 0.28 -16.32 -1.29
N LYS A 568 0.53 -15.41 -2.23
CA LYS A 568 -0.54 -14.82 -3.07
C LYS A 568 -0.91 -15.80 -4.20
N ARG A 569 -0.07 -16.80 -4.45
CA ARG A 569 -0.32 -17.88 -5.39
C ARG A 569 -0.54 -17.46 -6.84
N GLN A 570 0.32 -16.60 -7.36
CA GLN A 570 0.35 -16.39 -8.80
C GLN A 570 0.52 -17.74 -9.48
N LEU A 571 1.27 -18.65 -8.85
CA LEU A 571 1.47 -19.99 -9.40
C LEU A 571 0.15 -20.74 -9.63
N LEU A 572 -0.79 -20.61 -8.69
CA LEU A 572 -2.09 -21.24 -8.86
C LEU A 572 -2.76 -20.72 -10.14
N ASN A 573 -2.62 -19.40 -10.39
CA ASN A 573 -3.14 -18.77 -11.60
C ASN A 573 -2.47 -19.35 -12.85
N CYS A 574 -1.14 -19.52 -12.80
CA CYS A 574 -0.41 -20.18 -13.86
C CYS A 574 -0.99 -21.57 -14.19
N LEU A 575 -1.31 -22.34 -13.14
CA LEU A 575 -1.80 -23.69 -13.35
C LEU A 575 -3.14 -23.62 -14.08
N HIS A 576 -4.00 -22.67 -13.70
CA HIS A 576 -5.29 -22.53 -14.35
C HIS A 576 -5.13 -22.14 -15.82
N VAL A 577 -4.23 -21.18 -16.10
CA VAL A 577 -4.00 -20.69 -17.45
C VAL A 577 -3.55 -21.84 -18.34
N ILE A 578 -2.59 -22.64 -17.88
CA ILE A 578 -2.14 -23.80 -18.64
C ILE A 578 -3.26 -24.83 -18.82
N THR A 579 -4.12 -24.98 -17.81
CA THR A 579 -5.29 -25.86 -17.93
C THR A 579 -6.19 -25.43 -19.09
N LEU A 580 -6.48 -24.12 -19.17
CA LEU A 580 -7.30 -23.60 -20.25
C LEU A 580 -6.65 -23.88 -21.60
N TYR A 581 -5.32 -23.75 -21.65
CA TYR A 581 -4.56 -23.99 -22.88
C TYR A 581 -4.67 -25.45 -23.29
N ASN A 582 -4.40 -26.38 -22.36
CA ASN A 582 -4.46 -27.80 -22.64
C ASN A 582 -5.86 -28.29 -22.99
N ARG A 583 -6.89 -27.72 -22.35
CA ARG A 583 -8.27 -28.06 -22.66
C ARG A 583 -8.62 -27.65 -24.08
N ILE A 584 -8.15 -26.49 -24.52
CA ILE A 584 -8.32 -26.05 -25.90
C ILE A 584 -7.68 -27.00 -26.89
N LYS A 585 -6.47 -27.46 -26.59
CA LYS A 585 -5.77 -28.38 -27.48
C LYS A 585 -6.45 -29.75 -27.60
N LYS A 586 -6.96 -30.29 -26.48
CA LYS A 586 -7.67 -31.56 -26.51
C LYS A 586 -8.99 -31.50 -27.29
N GLU A 587 -9.71 -30.39 -27.16
CA GLU A 587 -10.96 -30.17 -27.88
C GLU A 587 -10.95 -28.81 -28.59
N PRO A 588 -10.21 -28.65 -29.70
CA PRO A 588 -10.08 -27.37 -30.38
C PRO A 588 -11.40 -26.74 -30.83
N ASN A 589 -12.35 -27.58 -31.22
CA ASN A 589 -13.61 -27.10 -31.80
C ASN A 589 -14.61 -26.58 -30.78
N LYS A 590 -14.33 -26.79 -29.48
CA LYS A 590 -15.28 -26.48 -28.43
C LYS A 590 -15.15 -25.02 -28.00
N PHE A 591 -16.27 -24.30 -28.03
CA PHE A 591 -16.29 -22.90 -27.65
C PHE A 591 -15.89 -22.69 -26.19
N VAL A 592 -15.03 -21.69 -25.96
CA VAL A 592 -14.72 -21.21 -24.63
C VAL A 592 -14.74 -19.70 -24.68
N VAL A 593 -15.13 -19.11 -23.55
CA VAL A 593 -15.17 -17.63 -23.44
C VAL A 593 -13.74 -17.10 -23.62
N PRO A 594 -13.51 -16.22 -24.61
CA PRO A 594 -12.18 -15.70 -24.85
C PRO A 594 -11.66 -14.98 -23.60
N ARG A 595 -10.34 -15.06 -23.38
CA ARG A 595 -9.80 -14.44 -22.16
C ARG A 595 -8.42 -13.82 -22.35
N THR A 596 -8.21 -12.60 -21.86
CA THR A 596 -6.88 -12.03 -21.75
C THR A 596 -6.49 -12.15 -20.27
N VAL A 597 -5.58 -13.08 -19.97
CA VAL A 597 -5.12 -13.22 -18.60
C VAL A 597 -3.92 -12.27 -18.43
N MET A 598 -4.06 -11.36 -17.47
CA MET A 598 -3.09 -10.33 -17.19
C MET A 598 -2.58 -10.55 -15.76
N ILE A 599 -1.27 -10.80 -15.64
CA ILE A 599 -0.63 -10.93 -14.35
C ILE A 599 0.48 -9.88 -14.28
N GLY A 600 0.57 -9.20 -13.14
CA GLY A 600 1.54 -8.15 -12.98
C GLY A 600 1.96 -7.95 -11.54
N GLY A 601 3.22 -7.56 -11.36
CA GLY A 601 3.74 -7.22 -10.05
C GLY A 601 5.25 -7.36 -10.02
N LYS A 602 5.86 -6.78 -9.00
CA LYS A 602 7.31 -6.80 -8.88
C LYS A 602 7.68 -7.92 -7.93
N ALA A 603 8.82 -8.57 -8.20
CA ALA A 603 9.48 -9.44 -7.25
C ALA A 603 10.55 -8.66 -6.49
N ALA A 604 10.66 -8.89 -5.19
CA ALA A 604 11.81 -8.38 -4.46
C ALA A 604 13.06 -8.91 -5.15
N PRO A 605 14.10 -8.07 -5.37
CA PRO A 605 15.30 -8.47 -6.10
C PRO A 605 15.99 -9.75 -5.61
N GLY A 606 15.94 -10.05 -4.31
CA GLY A 606 16.56 -11.29 -3.80
C GLY A 606 15.62 -12.49 -3.61
N TYR A 607 14.34 -12.38 -3.99
CA TYR A 607 13.36 -13.48 -3.85
C TYR A 607 13.41 -14.34 -5.12
N HIS A 608 14.13 -15.45 -5.09
CA HIS A 608 14.36 -16.27 -6.31
C HIS A 608 13.07 -16.88 -6.88
N MET A 609 12.24 -17.48 -6.04
CA MET A 609 10.98 -18.12 -6.52
C MET A 609 10.13 -17.10 -7.27
N ALA A 610 10.02 -15.89 -6.73
CA ALA A 610 9.21 -14.82 -7.35
C ALA A 610 9.74 -14.45 -8.73
N LYS A 611 11.06 -14.44 -8.90
CA LYS A 611 11.68 -14.15 -10.20
C LYS A 611 11.47 -15.35 -11.12
N MET A 612 11.41 -16.57 -10.58
CA MET A 612 11.11 -17.73 -11.39
C MET A 612 9.63 -17.71 -11.84
N ILE A 613 8.75 -17.27 -10.94
CA ILE A 613 7.33 -17.16 -11.25
C ILE A 613 7.06 -16.17 -12.37
N ILE A 614 7.73 -15.01 -12.35
CA ILE A 614 7.64 -14.03 -13.43
C ILE A 614 8.08 -14.66 -14.75
N LYS A 615 9.20 -15.38 -14.71
CA LYS A 615 9.71 -16.04 -15.90
C LYS A 615 8.75 -17.10 -16.42
N LEU A 616 8.01 -17.75 -15.51
CA LEU A 616 7.07 -18.79 -15.91
C LEU A 616 5.86 -18.19 -16.62
N ILE A 617 5.35 -17.09 -16.07
CA ILE A 617 4.23 -16.39 -16.68
C ILE A 617 4.55 -15.99 -18.12
N THR A 618 5.73 -15.40 -18.34
CA THR A 618 6.16 -15.00 -19.67
C THR A 618 6.41 -16.23 -20.55
N ALA A 619 6.98 -17.27 -19.96
CA ALA A 619 7.22 -18.51 -20.69
C ALA A 619 5.91 -19.18 -21.13
N ILE A 620 4.88 -19.12 -20.29
CA ILE A 620 3.58 -19.63 -20.70
C ILE A 620 3.08 -18.82 -21.90
N GLY A 621 3.14 -17.50 -21.77
CA GLY A 621 2.83 -16.59 -22.86
C GLY A 621 3.56 -16.92 -24.17
N ASP A 622 4.82 -17.34 -24.08
CA ASP A 622 5.58 -17.62 -25.28
C ASP A 622 5.02 -18.79 -26.06
N VAL A 623 4.38 -19.74 -25.35
CA VAL A 623 3.73 -20.86 -26.01
C VAL A 623 2.31 -20.47 -26.41
N VAL A 624 1.54 -20.01 -25.42
CA VAL A 624 0.11 -19.82 -25.60
C VAL A 624 -0.18 -18.81 -26.71
N ASN A 625 0.52 -17.67 -26.65
CA ASN A 625 0.24 -16.55 -27.52
C ASN A 625 0.71 -16.72 -28.98
N HIS A 626 1.43 -17.81 -29.26
CA HIS A 626 1.91 -18.07 -30.62
C HIS A 626 1.37 -19.38 -31.19
N ASP A 627 0.50 -20.06 -30.44
CA ASP A 627 -0.19 -21.24 -30.92
C ASP A 627 -1.36 -20.82 -31.80
N PRO A 628 -1.33 -21.14 -33.12
CA PRO A 628 -2.38 -20.71 -34.04
C PRO A 628 -3.74 -21.40 -33.84
N VAL A 629 -3.75 -22.51 -33.10
CA VAL A 629 -4.98 -23.18 -32.69
C VAL A 629 -5.73 -22.37 -31.63
N VAL A 630 -4.96 -21.66 -30.79
CA VAL A 630 -5.52 -20.85 -29.72
C VAL A 630 -6.01 -19.53 -30.29
N GLY A 631 -5.15 -18.88 -31.09
CA GLY A 631 -5.41 -17.55 -31.59
C GLY A 631 -5.82 -16.58 -30.48
N ASP A 632 -6.88 -15.80 -30.75
CA ASP A 632 -7.33 -14.78 -29.82
C ASP A 632 -8.31 -15.32 -28.76
N ARG A 633 -8.43 -16.65 -28.67
CA ARG A 633 -9.27 -17.27 -27.65
C ARG A 633 -8.61 -17.18 -26.26
N LEU A 634 -7.29 -17.27 -26.22
CA LEU A 634 -6.56 -17.14 -24.96
C LEU A 634 -5.27 -16.37 -25.18
N ARG A 635 -5.02 -15.42 -24.29
CA ARG A 635 -3.78 -14.63 -24.34
C ARG A 635 -3.35 -14.37 -22.90
N VAL A 636 -2.06 -14.55 -22.64
CA VAL A 636 -1.53 -14.33 -21.30
C VAL A 636 -0.35 -13.36 -21.41
N ILE A 637 -0.48 -12.22 -20.74
CA ILE A 637 0.51 -11.16 -20.81
C ILE A 637 0.90 -10.76 -19.38
N PHE A 638 2.20 -10.45 -19.21
CA PHE A 638 2.74 -9.99 -17.94
C PHE A 638 2.83 -8.47 -17.98
N LEU A 639 2.05 -7.81 -17.12
CA LEU A 639 2.02 -6.35 -17.08
C LEU A 639 3.27 -5.80 -16.39
N GLU A 640 4.11 -5.16 -17.20
CA GLU A 640 5.40 -4.63 -16.76
C GLU A 640 5.25 -3.46 -15.77
N ASN A 641 6.03 -3.50 -14.70
CA ASN A 641 6.20 -2.35 -13.81
C ASN A 641 4.91 -1.89 -13.13
N TYR A 642 4.19 -2.85 -12.53
CA TYR A 642 2.96 -2.57 -11.83
C TYR A 642 3.27 -1.62 -10.66
N ARG A 643 2.53 -0.51 -10.62
CA ARG A 643 2.75 0.56 -9.67
C ARG A 643 1.41 1.29 -9.61
N VAL A 644 1.31 2.31 -8.76
CA VAL A 644 0.03 2.94 -8.50
C VAL A 644 -0.60 3.53 -9.76
N SER A 645 0.19 4.24 -10.58
CA SER A 645 -0.30 4.74 -11.86
C SER A 645 -0.90 3.67 -12.76
N LEU A 646 -0.28 2.49 -12.80
CA LEU A 646 -0.76 1.43 -13.67
C LEU A 646 -2.00 0.76 -13.06
N ALA A 647 -2.06 0.64 -11.73
CA ALA A 647 -3.28 0.21 -11.05
C ALA A 647 -4.49 1.06 -11.43
N GLU A 648 -4.30 2.37 -11.53
CA GLU A 648 -5.38 3.29 -11.90
C GLU A 648 -5.87 3.08 -13.33
N LYS A 649 -5.01 2.52 -14.20
CA LYS A 649 -5.39 2.17 -15.56
C LYS A 649 -6.05 0.80 -15.71
N VAL A 650 -5.40 -0.24 -15.17
CA VAL A 650 -5.81 -1.61 -15.44
C VAL A 650 -7.01 -2.11 -14.63
N ILE A 651 -7.16 -1.61 -13.40
CA ILE A 651 -8.23 -2.05 -12.53
C ILE A 651 -9.61 -1.60 -13.03
N PRO A 652 -9.82 -0.32 -13.43
CA PRO A 652 -11.09 0.06 -14.06
C PRO A 652 -11.40 -0.77 -15.30
N ALA A 653 -10.37 -1.37 -15.91
CA ALA A 653 -10.56 -2.16 -17.11
C ALA A 653 -10.82 -3.65 -16.88
N ALA A 654 -10.89 -4.09 -15.62
CA ALA A 654 -10.90 -5.50 -15.30
C ALA A 654 -12.30 -6.08 -15.15
N ASP A 655 -12.47 -7.32 -15.64
CA ASP A 655 -13.71 -8.06 -15.49
C ASP A 655 -13.63 -8.99 -14.28
N LEU A 656 -12.48 -9.64 -14.09
CA LEU A 656 -12.30 -10.62 -13.03
C LEU A 656 -11.07 -10.27 -12.20
N SER A 657 -11.27 -10.18 -10.88
CA SER A 657 -10.27 -9.86 -9.90
C SER A 657 -9.77 -11.13 -9.22
N GLU A 658 -8.48 -11.43 -9.41
CA GLU A 658 -7.85 -12.61 -8.84
C GLU A 658 -7.31 -12.31 -7.45
N GLN A 659 -7.93 -12.94 -6.43
CA GLN A 659 -7.60 -12.71 -5.04
C GLN A 659 -7.51 -14.06 -4.33
N ILE A 660 -6.44 -14.80 -4.64
CA ILE A 660 -6.41 -16.25 -4.48
C ILE A 660 -5.31 -16.71 -3.52
N SER A 661 -5.07 -15.90 -2.49
CA SER A 661 -4.14 -16.26 -1.44
C SER A 661 -4.63 -17.48 -0.66
N THR A 662 -3.70 -18.25 -0.08
CA THR A 662 -4.07 -19.36 0.76
C THR A 662 -4.79 -18.80 1.99
N ALA A 663 -5.91 -19.44 2.33
CA ALA A 663 -6.74 -19.00 3.44
C ALA A 663 -5.87 -18.88 4.70
N GLY A 664 -5.87 -17.68 5.28
CA GLY A 664 -5.12 -17.39 6.48
C GLY A 664 -3.84 -16.58 6.27
N THR A 665 -3.47 -16.32 5.01
CA THR A 665 -2.18 -15.72 4.69
C THR A 665 -2.23 -14.23 4.36
N GLU A 666 -3.24 -13.80 3.58
CA GLU A 666 -3.41 -12.38 3.27
C GLU A 666 -4.23 -11.72 4.38
N ALA A 667 -3.56 -10.93 5.23
CA ALA A 667 -4.19 -10.30 6.37
C ALA A 667 -5.45 -9.53 5.98
N SER A 668 -5.35 -8.73 4.91
CA SER A 668 -6.51 -8.00 4.43
C SER A 668 -6.63 -7.98 2.91
N GLY A 669 -5.57 -7.49 2.26
CA GLY A 669 -5.64 -7.07 0.87
C GLY A 669 -6.30 -5.70 0.74
N THR A 670 -5.85 -4.92 -0.26
CA THR A 670 -6.56 -3.72 -0.66
C THR A 670 -6.86 -3.68 -2.15
N GLY A 671 -6.08 -4.38 -2.96
CA GLY A 671 -6.36 -4.48 -4.38
C GLY A 671 -7.75 -5.08 -4.63
N ASN A 672 -8.11 -6.07 -3.80
CA ASN A 672 -9.44 -6.68 -3.86
C ASN A 672 -10.56 -5.65 -3.82
N MET A 673 -10.43 -4.67 -2.94
CA MET A 673 -11.45 -3.59 -2.76
C MET A 673 -11.47 -2.63 -3.96
N1 LLP A 674 0.53 -2.43 -5.21
C2 LLP A 674 -0.10 -1.37 -5.68
C2' LLP A 674 0.60 -0.51 -6.69
C3 LLP A 674 -1.39 -1.06 -5.26
O3 LLP A 674 -1.97 0.04 -5.78
C4 LLP A 674 -2.03 -1.87 -4.31
C4' LLP A 674 -3.38 -1.58 -3.85
C5 LLP A 674 -1.33 -2.99 -3.82
C6 LLP A 674 -0.07 -3.22 -4.30
C5' LLP A 674 -1.93 -3.94 -2.83
OP4 LLP A 674 -2.62 -4.99 -3.57
P LLP A 674 -3.03 -6.40 -2.96
OP1 LLP A 674 -3.72 -7.12 -4.08
OP2 LLP A 674 -1.76 -7.07 -2.53
OP3 LLP A 674 -3.95 -6.09 -1.81
N LLP A 674 -10.32 -2.37 -4.54
CA LLP A 674 -10.23 -1.48 -5.72
CB LLP A 674 -8.77 -1.21 -6.07
CG LLP A 674 -7.91 -0.62 -4.95
CD LLP A 674 -6.42 -0.62 -5.27
CE LLP A 674 -5.54 -0.66 -4.05
NZ LLP A 674 -4.13 -0.74 -4.43
C LLP A 674 -11.00 -2.11 -6.89
O LLP A 674 -11.67 -1.36 -7.60
N PHE A 675 -10.90 -3.42 -7.04
CA PHE A 675 -11.54 -4.14 -8.16
C PHE A 675 -13.06 -4.17 -7.94
N MET A 676 -13.48 -4.35 -6.69
CA MET A 676 -14.90 -4.38 -6.35
C MET A 676 -15.53 -3.02 -6.63
N LEU A 677 -14.79 -1.95 -6.33
CA LEU A 677 -15.26 -0.59 -6.51
C LEU A 677 -15.38 -0.19 -7.98
N ASN A 678 -14.61 -0.87 -8.85
CA ASN A 678 -14.53 -0.50 -10.26
C ASN A 678 -15.20 -1.43 -11.26
N GLY A 679 -16.07 -2.32 -10.78
CA GLY A 679 -16.91 -3.10 -11.68
C GLY A 679 -16.32 -4.42 -12.16
N ALA A 680 -15.46 -5.02 -11.33
CA ALA A 680 -15.00 -6.38 -11.56
C ALA A 680 -15.67 -7.31 -10.55
N LEU A 681 -15.94 -8.54 -10.98
CA LEU A 681 -16.34 -9.59 -10.07
C LEU A 681 -15.07 -10.26 -9.55
N THR A 682 -15.17 -10.87 -8.37
CA THR A 682 -14.00 -11.37 -7.67
C THR A 682 -13.99 -12.91 -7.62
N ILE A 683 -12.86 -13.51 -8.02
CA ILE A 683 -12.63 -14.93 -7.77
C ILE A 683 -11.57 -15.01 -6.68
N GLY A 684 -11.92 -15.61 -5.53
CA GLY A 684 -11.04 -15.66 -4.38
C GLY A 684 -11.39 -16.67 -3.29
N THR A 685 -10.39 -16.92 -2.44
CA THR A 685 -10.52 -17.68 -1.20
C THR A 685 -11.20 -16.86 -0.11
N MET A 686 -11.61 -17.54 0.95
CA MET A 686 -12.16 -16.83 2.12
C MET A 686 -10.98 -16.38 2.96
N ASP A 687 -10.30 -15.31 2.51
CA ASP A 687 -9.11 -14.81 3.20
C ASP A 687 -9.22 -13.29 3.32
N GLY A 688 -8.75 -12.73 4.43
CA GLY A 688 -8.71 -11.28 4.61
C GLY A 688 -10.04 -10.57 4.47
N ALA A 689 -10.05 -9.46 3.75
CA ALA A 689 -11.28 -8.64 3.59
C ALA A 689 -12.18 -9.28 2.54
N ASN A 690 -11.66 -10.28 1.82
CA ASN A 690 -12.51 -11.02 0.86
C ASN A 690 -13.70 -11.57 1.65
N VAL A 691 -13.45 -12.00 2.89
CA VAL A 691 -14.52 -12.52 3.71
C VAL A 691 -15.62 -11.47 3.93
N GLU A 692 -15.21 -10.23 4.23
CA GLU A 692 -16.15 -9.16 4.51
C GLU A 692 -16.78 -8.55 3.25
N MET A 693 -16.05 -8.59 2.13
CA MET A 693 -16.56 -8.17 0.83
C MET A 693 -17.72 -9.08 0.40
N ALA A 694 -17.55 -10.39 0.56
CA ALA A 694 -18.64 -11.35 0.25
C ALA A 694 -19.80 -11.21 1.25
N GLU A 695 -19.51 -10.89 2.50
CA GLU A 695 -20.59 -10.66 3.48
C GLU A 695 -21.37 -9.40 3.09
N GLU A 696 -20.67 -8.37 2.61
CA GLU A 696 -21.32 -7.10 2.24
C GLU A 696 -22.16 -7.30 0.99
N ALA A 697 -21.68 -8.11 0.05
CA ALA A 697 -22.40 -8.26 -1.20
C ALA A 697 -23.37 -9.44 -1.20
N GLY A 698 -23.11 -10.43 -0.33
CA GLY A 698 -23.71 -11.74 -0.44
C GLY A 698 -22.76 -12.69 -1.17
N GLU A 699 -22.51 -13.87 -0.59
CA GLU A 699 -21.63 -14.86 -1.19
C GLU A 699 -22.10 -15.24 -2.59
N GLU A 700 -23.41 -15.15 -2.83
CA GLU A 700 -23.95 -15.42 -4.16
C GLU A 700 -23.41 -14.49 -5.25
N ASN A 701 -22.80 -13.37 -4.86
CA ASN A 701 -22.24 -12.44 -5.83
C ASN A 701 -20.72 -12.45 -5.88
N PHE A 702 -20.11 -13.48 -5.29
CA PHE A 702 -18.67 -13.72 -5.33
C PHE A 702 -18.34 -15.13 -5.78
N PHE A 703 -17.22 -15.28 -6.50
CA PHE A 703 -16.71 -16.58 -6.88
C PHE A 703 -15.73 -17.04 -5.79
N ILE A 704 -16.32 -17.50 -4.68
CA ILE A 704 -15.57 -18.00 -3.53
C ILE A 704 -15.29 -19.50 -3.69
N PHE A 705 -14.02 -19.88 -3.51
CA PHE A 705 -13.61 -21.27 -3.68
C PHE A 705 -12.51 -21.64 -2.70
N GLY A 706 -12.21 -22.93 -2.63
CA GLY A 706 -11.02 -23.36 -1.89
C GLY A 706 -11.15 -23.70 -0.44
N MET A 707 -10.00 -24.02 0.14
CA MET A 707 -9.96 -24.36 1.58
C MET A 707 -10.23 -23.11 2.41
N ARG A 708 -10.91 -23.30 3.53
CA ARG A 708 -11.10 -22.22 4.50
C ARG A 708 -9.95 -22.39 5.51
N VAL A 709 -9.69 -21.41 6.35
CA VAL A 709 -8.55 -21.45 7.30
C VAL A 709 -8.57 -22.78 8.06
N GLU A 710 -9.73 -23.20 8.56
CA GLU A 710 -9.79 -24.42 9.35
C GLU A 710 -9.39 -25.65 8.52
N ASP A 711 -9.66 -25.62 7.21
CA ASP A 711 -9.26 -26.72 6.34
C ASP A 711 -7.75 -26.76 6.16
N VAL A 712 -7.13 -25.58 6.11
CA VAL A 712 -5.68 -25.47 6.00
C VAL A 712 -5.06 -26.10 7.25
N ASP A 713 -5.56 -25.71 8.43
CA ASP A 713 -5.13 -26.30 9.69
C ASP A 713 -5.17 -27.83 9.73
N ARG A 714 -6.25 -28.44 9.25
CA ARG A 714 -6.41 -29.91 9.27
C ARG A 714 -5.35 -30.54 8.38
N LEU A 715 -5.10 -29.96 7.21
CA LEU A 715 -4.00 -30.42 6.36
C LEU A 715 -2.67 -30.36 7.08
N ASP A 716 -2.40 -29.25 7.77
CA ASP A 716 -1.17 -29.10 8.52
C ASP A 716 -1.08 -30.14 9.62
N GLN A 717 -2.21 -30.44 10.26
CA GLN A 717 -2.25 -31.47 11.29
C GLN A 717 -1.82 -32.85 10.81
N ARG A 718 -2.22 -33.24 9.59
CA ARG A 718 -1.85 -34.56 9.07
C ARG A 718 -0.74 -34.52 8.03
N GLY A 719 -0.31 -33.31 7.64
CA GLY A 719 0.79 -33.16 6.70
C GLY A 719 0.30 -32.98 5.26
N TYR A 720 0.80 -31.93 4.61
CA TYR A 720 0.43 -31.67 3.22
C TYR A 720 1.35 -32.49 2.31
N ASN A 721 0.76 -33.50 1.67
CA ASN A 721 1.46 -34.31 0.68
C ASN A 721 0.95 -33.93 -0.71
N ALA A 722 1.73 -33.11 -1.40
CA ALA A 722 1.42 -32.68 -2.75
C ALA A 722 1.28 -33.83 -3.74
N GLN A 723 2.04 -34.90 -3.50
CA GLN A 723 2.04 -36.09 -4.36
C GLN A 723 0.64 -36.65 -4.55
N GLU A 724 -0.15 -36.66 -3.47
CA GLU A 724 -1.51 -37.15 -3.50
C GLU A 724 -2.32 -36.48 -4.61
N TYR A 725 -2.29 -35.15 -4.65
CA TYR A 725 -3.07 -34.40 -5.66
C TYR A 725 -2.56 -34.72 -7.06
N TYR A 726 -1.25 -34.79 -7.23
CA TYR A 726 -0.64 -35.11 -8.54
C TYR A 726 -1.05 -36.52 -9.00
N ASP A 727 -1.15 -37.46 -8.07
CA ASP A 727 -1.48 -38.87 -8.40
C ASP A 727 -2.97 -39.03 -8.66
N ARG A 728 -3.79 -38.13 -8.16
CA ARG A 728 -5.23 -38.22 -8.28
C ARG A 728 -5.85 -37.29 -9.32
N ILE A 729 -5.09 -36.31 -9.81
CA ILE A 729 -5.62 -35.33 -10.76
C ILE A 729 -4.86 -35.37 -12.08
N PRO A 730 -5.38 -36.07 -13.12
CA PRO A 730 -4.69 -36.18 -14.40
C PRO A 730 -4.33 -34.85 -15.06
N GLU A 731 -5.24 -33.89 -15.02
CA GLU A 731 -4.99 -32.60 -15.66
C GLU A 731 -3.83 -31.88 -14.98
N LEU A 732 -3.72 -32.03 -13.66
CA LEU A 732 -2.66 -31.39 -12.89
C LEU A 732 -1.32 -32.06 -13.17
N ARG A 733 -1.31 -33.39 -13.24
CA ARG A 733 -0.07 -34.17 -13.51
C ARG A 733 0.47 -33.79 -14.88
N GLN A 734 -0.39 -33.67 -15.87
CA GLN A 734 0.01 -33.22 -17.19
C GLN A 734 0.81 -31.92 -17.15
N ILE A 735 0.30 -30.93 -16.39
CA ILE A 735 0.93 -29.62 -16.33
C ILE A 735 2.30 -29.70 -15.68
N ILE A 736 2.40 -30.45 -14.59
CA ILE A 736 3.67 -30.62 -13.90
C ILE A 736 4.67 -31.31 -14.83
N GLU A 737 4.19 -32.22 -15.66
CA GLU A 737 5.07 -32.91 -16.61
C GLU A 737 5.53 -31.95 -17.70
N GLN A 738 4.64 -31.11 -18.20
CA GLN A 738 5.03 -30.09 -19.15
C GLN A 738 6.13 -29.19 -18.59
N LEU A 739 6.02 -28.85 -17.30
CA LEU A 739 7.00 -27.97 -16.65
C LEU A 739 8.34 -28.67 -16.46
N SER A 740 8.32 -29.92 -15.98
CA SER A 740 9.54 -30.66 -15.72
C SER A 740 10.31 -30.96 -17.00
N SER A 741 9.61 -31.48 -18.01
CA SER A 741 10.23 -31.98 -19.22
C SER A 741 10.69 -30.87 -20.16
N GLY A 742 10.19 -29.65 -19.93
CA GLY A 742 10.67 -28.48 -20.65
C GLY A 742 9.79 -28.00 -21.81
N PHE A 743 8.48 -28.29 -21.74
CA PHE A 743 7.53 -27.81 -22.73
C PHE A 743 7.45 -26.28 -22.77
N PHE A 744 7.57 -25.64 -21.59
CA PHE A 744 7.59 -24.19 -21.50
C PHE A 744 9.00 -23.60 -21.48
N SER A 745 10.01 -24.40 -21.81
CA SER A 745 11.38 -23.93 -21.81
C SER A 745 12.25 -24.82 -22.69
N PRO A 746 11.95 -24.94 -24.00
CA PRO A 746 12.59 -25.95 -24.83
C PRO A 746 14.11 -25.84 -24.86
N LYS A 747 14.61 -24.61 -24.92
CA LYS A 747 16.05 -24.38 -25.01
C LYS A 747 16.74 -24.62 -23.68
N GLN A 748 15.95 -24.72 -22.61
CA GLN A 748 16.48 -25.00 -21.25
C GLN A 748 15.46 -25.88 -20.52
N PRO A 749 15.40 -27.20 -20.78
CA PRO A 749 14.33 -28.05 -20.24
C PRO A 749 14.17 -28.07 -18.72
N ASP A 750 15.28 -27.89 -17.99
CA ASP A 750 15.29 -27.97 -16.55
C ASP A 750 15.02 -26.63 -15.86
N LEU A 751 14.75 -25.58 -16.66
CA LEU A 751 14.64 -24.22 -16.17
C LEU A 751 13.70 -24.02 -14.97
N PHE A 752 12.57 -24.73 -14.96
CA PHE A 752 11.58 -24.58 -13.90
C PHE A 752 11.60 -25.70 -12.86
N LYS A 753 12.71 -26.42 -12.73
CA LYS A 753 12.82 -27.54 -11.76
C LYS A 753 12.62 -27.04 -10.32
N ASP A 754 13.08 -25.83 -10.01
CA ASP A 754 12.92 -25.29 -8.67
C ASP A 754 11.46 -25.05 -8.33
N ILE A 755 10.69 -24.56 -9.30
CA ILE A 755 9.25 -24.40 -9.13
C ILE A 755 8.61 -25.76 -8.89
N VAL A 756 8.91 -26.71 -9.78
CA VAL A 756 8.37 -28.05 -9.68
C VAL A 756 8.68 -28.69 -8.34
N ASN A 757 9.92 -28.53 -7.87
CA ASN A 757 10.38 -29.13 -6.62
C ASN A 757 9.67 -28.53 -5.40
N MET A 758 9.48 -27.20 -5.39
CA MET A 758 8.79 -26.56 -4.29
C MET A 758 7.33 -27.01 -4.22
N LEU A 759 6.66 -27.09 -5.37
CA LEU A 759 5.27 -27.52 -5.46
C LEU A 759 5.09 -28.96 -4.97
N MET A 760 6.00 -29.84 -5.40
CA MET A 760 5.92 -31.25 -5.06
C MET A 760 6.34 -31.55 -3.62
N HIS A 761 7.28 -30.77 -3.05
CA HIS A 761 7.87 -31.11 -1.76
C HIS A 761 8.00 -30.07 -0.66
N HIS A 762 7.88 -28.77 -0.98
CA HIS A 762 8.11 -27.73 0.01
C HIS A 762 7.16 -26.54 -0.17
N ASP A 763 5.90 -26.83 -0.53
CA ASP A 763 4.90 -25.78 -0.75
C ASP A 763 4.16 -25.45 0.55
N ARG A 764 4.55 -24.33 1.16
CA ARG A 764 3.93 -23.85 2.39
C ARG A 764 2.48 -23.41 2.16
N PHE A 765 2.12 -23.15 0.89
CA PHE A 765 0.85 -22.53 0.56
C PHE A 765 -0.13 -23.42 -0.21
N LYS A 766 0.22 -24.71 -0.34
CA LYS A 766 -0.77 -25.72 -0.70
C LYS A 766 -1.50 -25.43 -2.02
N VAL A 767 -0.76 -25.10 -3.07
CA VAL A 767 -1.37 -24.73 -4.38
C VAL A 767 -2.20 -25.89 -4.98
N PHE A 768 -1.69 -27.12 -4.94
CA PHE A 768 -2.37 -28.29 -5.52
C PHE A 768 -3.69 -28.59 -4.80
N ALA A 769 -3.77 -28.30 -3.52
CA ALA A 769 -4.98 -28.55 -2.72
C ALA A 769 -6.15 -27.64 -3.11
N ASP A 770 -5.88 -26.45 -3.64
CA ASP A 770 -6.98 -25.63 -4.14
C ASP A 770 -7.15 -25.70 -5.66
N TYR A 771 -6.34 -26.54 -6.32
CA TYR A 771 -6.29 -26.55 -7.78
C TYR A 771 -7.66 -26.90 -8.35
N GLU A 772 -8.28 -27.99 -7.86
CA GLU A 772 -9.50 -28.49 -8.46
C GLU A 772 -10.68 -27.55 -8.29
N GLU A 773 -10.90 -27.08 -7.06
CA GLU A 773 -11.99 -26.15 -6.78
C GLU A 773 -11.83 -24.83 -7.55
N TYR A 774 -10.58 -24.37 -7.66
CA TYR A 774 -10.25 -23.19 -8.44
C TYR A 774 -10.64 -23.30 -9.92
N VAL A 775 -10.20 -24.39 -10.56
CA VAL A 775 -10.50 -24.66 -11.96
C VAL A 775 -12.01 -24.68 -12.21
N LYS A 776 -12.76 -25.35 -11.35
CA LYS A 776 -14.23 -25.44 -11.49
C LYS A 776 -14.89 -24.08 -11.17
N CYS A 777 -14.33 -23.35 -10.21
CA CYS A 777 -14.85 -22.03 -9.96
C CYS A 777 -14.68 -21.11 -11.19
N GLN A 778 -13.55 -21.25 -11.90
CA GLN A 778 -13.31 -20.50 -13.12
C GLN A 778 -14.29 -20.84 -14.26
N GLU A 779 -14.77 -22.10 -14.30
CA GLU A 779 -15.84 -22.51 -15.20
C GLU A 779 -17.13 -21.76 -14.91
N ARG A 780 -17.43 -21.58 -13.62
CA ARG A 780 -18.63 -20.81 -13.24
C ARG A 780 -18.45 -19.35 -13.69
N VAL A 781 -17.24 -18.80 -13.58
CA VAL A 781 -16.98 -17.45 -14.04
C VAL A 781 -17.29 -17.33 -15.52
N SER A 782 -16.72 -18.24 -16.33
CA SER A 782 -16.93 -18.19 -17.77
C SER A 782 -18.40 -18.31 -18.15
N ALA A 783 -19.11 -19.16 -17.41
CA ALA A 783 -20.52 -19.42 -17.67
C ALA A 783 -21.35 -18.16 -17.52
N LEU A 784 -21.13 -17.43 -16.42
CA LEU A 784 -21.83 -16.16 -16.21
C LEU A 784 -21.42 -15.08 -17.21
N TYR A 785 -20.18 -15.12 -17.71
CA TYR A 785 -19.72 -14.13 -18.68
C TYR A 785 -20.45 -14.25 -20.01
N LYS A 786 -20.90 -15.47 -20.34
CA LYS A 786 -21.74 -15.72 -21.51
C LYS A 786 -23.11 -15.07 -21.45
N ASN A 787 -23.53 -14.70 -20.23
CA ASN A 787 -24.77 -13.97 -20.00
C ASN A 787 -24.45 -12.53 -19.57
N PRO A 788 -24.16 -11.64 -20.54
CA PRO A 788 -23.87 -10.22 -20.25
C PRO A 788 -24.77 -9.55 -19.22
N ARG A 789 -26.09 -9.74 -19.38
CA ARG A 789 -27.04 -9.01 -18.56
C ARG A 789 -26.84 -9.41 -17.09
N GLU A 790 -26.74 -10.72 -16.83
CA GLU A 790 -26.57 -11.22 -15.47
C GLU A 790 -25.16 -11.00 -14.92
N TRP A 791 -24.16 -10.93 -15.81
CA TRP A 791 -22.83 -10.52 -15.39
C TRP A 791 -22.91 -9.11 -14.82
N THR A 792 -23.45 -8.21 -15.65
CA THR A 792 -23.54 -6.81 -15.28
C THR A 792 -24.41 -6.58 -14.04
N ARG A 793 -25.46 -7.40 -13.87
CA ARG A 793 -26.35 -7.28 -12.72
C ARG A 793 -25.64 -7.69 -11.44
N MET A 794 -24.73 -8.67 -11.53
CA MET A 794 -23.98 -9.11 -10.38
C MET A 794 -22.90 -8.07 -10.07
N VAL A 795 -22.33 -7.45 -11.12
CA VAL A 795 -21.41 -6.34 -10.93
C VAL A 795 -22.09 -5.18 -10.17
N ILE A 796 -23.32 -4.84 -10.53
CA ILE A 796 -24.05 -3.80 -9.84
C ILE A 796 -24.16 -4.13 -8.35
N ARG A 797 -24.51 -5.39 -8.05
CA ARG A 797 -24.59 -5.85 -6.67
C ARG A 797 -23.26 -5.73 -5.90
N ASN A 798 -22.14 -5.81 -6.62
CA ASN A 798 -20.83 -5.61 -6.01
C ASN A 798 -20.52 -4.14 -5.76
N ILE A 799 -20.60 -3.31 -6.80
CA ILE A 799 -20.25 -1.91 -6.68
C ILE A 799 -21.06 -1.28 -5.54
N ALA A 800 -22.35 -1.64 -5.51
CA ALA A 800 -23.32 -1.09 -4.57
C ALA A 800 -23.09 -1.45 -3.10
N THR A 801 -22.27 -2.47 -2.83
CA THR A 801 -22.00 -2.89 -1.47
C THR A 801 -20.53 -2.73 -1.11
N SER A 802 -19.81 -1.96 -1.93
CA SER A 802 -18.38 -1.74 -1.71
C SER A 802 -18.09 -0.60 -0.73
N GLY A 803 -19.14 0.09 -0.25
CA GLY A 803 -18.97 1.28 0.56
C GLY A 803 -18.17 1.10 1.85
N LYS A 804 -18.38 -0.04 2.51
CA LYS A 804 -17.64 -0.36 3.72
C LYS A 804 -16.14 -0.20 3.55
N PHE A 805 -15.64 -0.44 2.32
CA PHE A 805 -14.21 -0.49 2.06
C PHE A 805 -13.59 0.87 1.71
N SER A 806 -14.35 1.95 1.94
CA SER A 806 -13.77 3.29 1.96
C SER A 806 -12.82 3.46 3.14
N SER A 807 -11.66 4.06 2.89
CA SER A 807 -10.68 4.34 3.94
C SER A 807 -11.18 5.43 4.91
N ASP A 808 -12.19 6.19 4.50
CA ASP A 808 -12.88 7.12 5.38
C ASP A 808 -13.50 6.40 6.57
N ARG A 809 -14.14 5.26 6.31
CA ARG A 809 -14.72 4.43 7.39
C ARG A 809 -13.60 3.88 8.27
N THR A 810 -12.57 3.29 7.65
CA THR A 810 -11.44 2.81 8.42
C THR A 810 -10.90 3.88 9.37
N ILE A 811 -10.64 5.07 8.82
CA ILE A 811 -10.02 6.15 9.56
C ILE A 811 -10.95 6.66 10.66
N ALA A 812 -12.24 6.80 10.36
CA ALA A 812 -13.18 7.23 11.38
C ALA A 812 -13.11 6.27 12.57
N GLN A 813 -12.92 4.98 12.28
CA GLN A 813 -12.80 3.97 13.33
C GLN A 813 -11.49 4.13 14.11
N TYR A 814 -10.36 4.30 13.41
CA TYR A 814 -9.12 4.62 14.09
C TYR A 814 -9.32 5.82 15.03
N ALA A 815 -9.98 6.88 14.52
CA ALA A 815 -10.13 8.12 15.26
C ALA A 815 -10.95 7.95 16.54
N ARG A 816 -12.11 7.27 16.45
CA ARG A 816 -12.96 7.10 17.61
C ARG A 816 -12.48 6.01 18.57
N GLU A 817 -11.93 4.91 18.04
CA GLU A 817 -11.63 3.74 18.86
C GLU A 817 -10.19 3.64 19.37
N ILE A 818 -9.26 4.35 18.73
CA ILE A 818 -7.87 4.36 19.17
C ILE A 818 -7.38 5.76 19.52
N TRP A 819 -7.53 6.73 18.61
CA TRP A 819 -6.94 8.05 18.78
C TRP A 819 -7.73 8.97 19.72
N GLY A 820 -9.02 8.72 19.86
CA GLY A 820 -9.86 9.51 20.75
C GLY A 820 -10.15 10.90 20.18
N VAL A 821 -10.35 10.99 18.86
CA VAL A 821 -10.75 12.23 18.21
C VAL A 821 -11.97 11.97 17.35
N GLU A 822 -12.84 12.99 17.25
CA GLU A 822 -14.08 12.86 16.52
C GLU A 822 -13.88 13.45 15.12
N PRO A 823 -14.02 12.66 14.04
CA PRO A 823 -13.84 13.16 12.69
C PRO A 823 -14.91 14.18 12.30
N SER A 824 -14.60 15.04 11.34
CA SER A 824 -15.58 16.04 10.83
C SER A 824 -15.43 16.16 9.32
N ARG A 825 -16.54 16.36 8.61
CA ARG A 825 -16.46 16.57 7.14
C ARG A 825 -16.87 18.01 6.81
N GLN A 826 -16.86 18.88 7.82
CA GLN A 826 -17.25 20.29 7.62
C GLN A 826 -16.13 21.07 6.93
N ARG A 827 -16.49 21.95 6.01
CA ARG A 827 -15.49 22.73 5.23
C ARG A 827 -14.84 23.81 6.10
N LEU A 828 -13.58 24.12 5.83
CA LEU A 828 -12.91 25.24 6.52
C LEU A 828 -13.26 26.48 5.68
N PRO A 829 -13.32 27.69 6.28
CA PRO A 829 -13.57 28.89 5.51
C PRO A 829 -12.44 29.09 4.49
N ALA A 830 -12.77 29.46 3.26
CA ALA A 830 -11.71 29.75 2.26
C ALA A 830 -12.29 30.46 1.04
S DMS B . -17.85 -29.26 -35.28
O DMS B . -16.50 -29.66 -35.79
C1 DMS B . -19.01 -30.19 -36.23
C2 DMS B . -18.07 -30.10 -33.73
S DMS C . 3.20 24.84 5.82
O DMS C . 2.71 23.69 6.64
C1 DMS C . 1.80 25.47 4.95
C2 DMS C . 4.07 24.13 4.46
S DMS D . 21.48 12.84 23.23
O DMS D . 22.54 12.45 22.24
C1 DMS D . 20.27 13.73 22.29
C2 DMS D . 22.15 14.21 24.13
S DMS E . 25.96 7.35 9.50
O DMS E . 25.43 5.98 9.14
C1 DMS E . 26.35 7.30 11.22
C2 DMS E . 27.62 7.41 8.87
S DMS F . -13.25 23.04 -3.14
O DMS F . -11.80 23.12 -2.74
C1 DMS F . -14.17 23.68 -1.77
C2 DMS F . -13.53 24.39 -4.26
S DMS G . 3.15 -4.83 -21.32
O DMS G . 3.27 -4.46 -19.90
C1 DMS G . 4.74 -5.44 -21.80
C2 DMS G . 2.28 -6.38 -21.35
S DMS H . -20.70 -17.83 -7.95
O DMS H . -20.53 -16.35 -8.18
C1 DMS H . -22.11 -18.26 -8.94
C2 DMS H . -21.48 -17.99 -6.37
S DMS I . 2.69 -14.84 21.83
O DMS I . 1.26 -15.15 22.12
C1 DMS I . 3.54 -14.89 23.38
C2 DMS I . 3.39 -16.31 21.13
S DMS J . -25.72 -5.91 -21.41
O DMS J . -25.01 -6.05 -20.10
C1 DMS J . -25.70 -4.17 -21.80
C2 DMS J . -27.46 -6.06 -21.07
S DMS K . -26.65 -7.58 0.69
O DMS K . -26.97 -6.54 1.72
C1 DMS K . -28.15 -8.44 0.34
C2 DMS K . -25.84 -8.90 1.55
S DMS L . -3.77 31.91 -7.20
O DMS L . -4.69 32.05 -8.38
C1 DMS L . -2.12 31.88 -7.87
C2 DMS L . -3.87 30.22 -6.70
S DMS M . 4.31 35.94 -19.32
O DMS M . 5.01 37.10 -19.98
C1 DMS M . 3.46 36.62 -17.91
C2 DMS M . 2.91 35.56 -20.33
S DMS N . 21.19 -5.49 -9.69
O DMS N . 22.44 -5.00 -9.03
C1 DMS N . 20.36 -4.07 -10.32
C2 DMS N . 21.71 -6.20 -11.24
S DMS O . 32.33 7.59 -1.39
O DMS O . 31.06 7.62 -2.19
C1 DMS O . 33.06 5.99 -1.66
C2 DMS O . 31.85 7.35 0.30
S DMS P . 0.67 -23.20 33.44
O DMS P . 1.41 -24.09 34.40
C1 DMS P . 0.67 -24.06 31.88
C2 DMS P . -1.05 -23.39 33.82
S DMS Q . -32.58 -14.47 -13.48
O DMS Q . -32.14 -14.63 -14.91
C1 DMS Q . -33.02 -12.77 -13.30
C2 DMS Q . -31.10 -14.44 -12.51
S DMS R . 21.24 20.79 13.01
O DMS R . 20.06 21.48 13.66
C1 DMS R . 22.53 20.74 14.23
C2 DMS R . 21.96 21.98 11.90
S DMS S . -19.80 -9.39 -20.14
O DMS S . -20.42 -10.66 -19.64
C1 DMS S . -20.88 -8.08 -19.66
C2 DMS S . -20.09 -9.33 -21.89
S DMS T . 23.99 -3.24 2.46
O DMS T . 22.51 -3.42 2.16
C1 DMS T . 24.29 -1.50 2.52
C2 DMS T . 24.86 -3.58 0.95
S DMS U . 5.53 -28.88 3.82
O DMS U . 4.06 -28.63 4.07
C1 DMS U . 6.29 -27.28 3.69
C2 DMS U . 5.63 -29.34 2.10
S DMS V . 17.71 -12.18 7.17
O DMS V . 17.25 -11.02 8.01
C1 DMS V . 16.89 -12.03 5.60
C2 DMS V . 16.85 -13.60 7.78
S DMS W . -12.05 20.53 10.06
O DMS W . -13.15 20.47 11.06
C1 DMS W . -10.66 21.24 10.89
C2 DMS W . -12.44 21.90 9.01
S DMS X . -7.64 10.01 -16.49
O DMS X . -8.48 9.66 -15.30
C1 DMS X . -6.00 10.28 -15.88
C2 DMS X . -8.02 11.69 -16.90
S DMS Y . 16.87 -15.54 -11.37
O DMS Y . 17.50 -16.61 -12.18
C1 DMS Y . 17.99 -15.21 -10.03
C2 DMS Y . 17.11 -14.02 -12.26
S DMS Z . 18.96 -14.78 -15.70
O DMS Z . 17.96 -13.76 -15.27
C1 DMS Z . 18.39 -16.34 -15.09
C2 DMS Z . 18.65 -15.07 -17.43
S DMS AA . 26.57 3.40 4.94
O DMS AA . 26.54 4.06 3.59
C1 DMS AA . 25.92 4.55 6.12
C2 DMS AA . 28.26 3.39 5.50
S DMS BA . 18.72 -10.36 -0.55
O DMS BA . 17.43 -9.83 0.00
C1 DMS BA . 20.01 -9.84 0.56
C2 DMS BA . 19.14 -9.30 -1.92
S DMS CA . -13.31 -17.83 8.10
O DMS CA . -14.26 -16.73 8.49
C1 DMS CA . -14.31 -19.23 7.64
C2 DMS CA . -12.67 -18.48 9.62
S DMS DA . -27.37 -15.55 -11.73
O DMS DA . -27.84 -15.32 -13.15
C1 DMS DA . -28.50 -14.66 -10.68
C2 DMS DA . -25.97 -14.48 -11.51
O1 KDH EA . 1.04 7.97 -23.14
C3 KDH EA . -0.29 8.15 -22.86
C6 KDH EA . -0.95 9.30 -23.29
O7 KDH EA . -0.30 10.28 -24.01
C9 KDH EA . -2.30 9.47 -22.99
O10 KDH EA . -2.95 10.59 -23.42
C12 KDH EA . -2.98 8.51 -22.27
C14 KDH EA . -2.32 7.35 -21.83
C15 KDH EA . -3.06 6.30 -21.04
C20 KDH EA . -4.88 6.18 -19.45
C21 KDH EA . -5.51 6.75 -18.35
C24 KDH EA . -6.47 6.03 -17.66
C26 KDH EA . -6.83 4.76 -18.08
C29 KDH EA . -6.22 4.21 -19.19
C31 KDH EA . -5.24 4.92 -19.90
C33 KDH EA . -3.78 5.30 -21.94
C36 KDH EA . -4.84 5.60 -24.10
C38 KDH EA . -5.84 6.39 -24.86
C39 KDH EA . -6.17 6.02 -26.16
C41 KDH EA . -6.42 7.53 -24.29
C01 KDH EA . -4.57 4.31 -21.11
O01 KDH EA . -3.93 6.96 -20.08
O02 KDH EA . -7.09 6.54 -16.55
O03 KDH EA . -6.59 2.95 -19.62
C4 KDH EA . -0.97 7.20 -22.13
O35 KDH EA . -4.69 6.03 -22.83
O37 KDH EA . -4.21 4.68 -24.57
C43 KDH EA . -7.35 8.25 -25.01
O44 KDH EA . -7.94 9.36 -24.46
C46 KDH EA . -7.69 7.87 -26.31
O47 KDH EA . -8.61 8.62 -27.00
C49 KDH EA . -7.09 6.75 -26.87
O50 KDH EA . -7.42 6.35 -28.15
N1 CFF FA . 12.01 -14.96 0.53
C2 CFF FA . 10.63 -14.75 0.70
C10 CFF FA . 12.47 -16.33 0.78
C6 CFF FA . 12.97 -14.01 0.16
N3 CFF FA . 10.17 -13.47 0.46
O11 CFF FA . 9.89 -15.65 1.02
C12 CFF FA . 8.74 -13.18 0.62
C4 CFF FA . 11.04 -12.49 0.09
C5 CFF FA . 12.38 -12.74 -0.05
N9 CFF FA . 10.73 -11.20 -0.16
O13 CFF FA . 14.15 -14.31 0.04
N7 CFF FA . 12.94 -11.54 -0.42
C8 CFF FA . 11.92 -10.66 -0.46
C14 CFF FA . 14.37 -11.30 -0.67
#